data_8CIR
#
_entry.id   8CIR
#
_cell.length_a   45.466
_cell.length_b   155.391
_cell.length_c   63.607
_cell.angle_alpha   90.000
_cell.angle_beta   94.280
_cell.angle_gamma   90.000
#
_symmetry.space_group_name_H-M   'P 1 21 1'
#
loop_
_entity.id
_entity.type
_entity.pdbx_description
1 polymer Moesin
2 polymer C3P
3 non-polymer 'BROMIDE ION'
4 non-polymer 1,2-ETHANEDIOL
5 non-polymer 2-[3-(2-HYDROXY-1,1-DIHYDROXYMETHYL-ETHYLAMINO)-PROPYLAMINO]-2-HYDROXYMETHYL-PROPANE-1,3-DIOL
6 water water
#
loop_
_entity_poly.entity_id
_entity_poly.type
_entity_poly.pdbx_seq_one_letter_code
_entity_poly.pdbx_strand_id
1 'polypeptide(L)'
;SMPKTISVRVTTMDAELEFAIQPNTTGKQLFDQVVKTIGLREVWFFGLQYQDTKGFSTWLKLNKKVTAQDVRKESPLLFK
FRAKFYPEDVSEELIQDITQRLFFLQVKEGILNDDIYCPPETAVLLASYAVQSKYGDFNKEVHKSGYLAGDKLLPQRVLE
QHKLNKDQWEERIQVWHEEHRGMLREDAVLEYLKIAQDLEMYGVNYFSIKNKKGSELWLGVDALGLNIYEQNDRLTPKIG
FPWSEIRNISFNDKKFVIKPIDKKAPDFVFYAPRLRINKRILALCMGNHELYMRRRKPDTIEVQQMKAQAREEKHQKQME
RAMLENEKKKREMAEKEKEKIEREKEE
;
A,B
2 'polypeptide(L)' EDGGSWKYPDAFELSG C,D
#
# COMPACT_ATOMS: atom_id res chain seq x y z
N MET A 2 -32.15 16.30 -42.47
CA MET A 2 -32.05 16.12 -43.94
C MET A 2 -31.43 14.75 -44.26
N PRO A 3 -30.32 14.28 -43.62
CA PRO A 3 -30.03 12.84 -43.65
C PRO A 3 -31.23 12.06 -43.09
N LYS A 4 -31.34 10.78 -43.51
CA LYS A 4 -32.44 9.95 -43.08
C LYS A 4 -32.12 9.20 -41.79
N THR A 5 -30.83 9.23 -41.39
CA THR A 5 -30.36 8.57 -40.17
C THR A 5 -29.45 9.56 -39.42
N ILE A 6 -29.32 9.35 -38.12
CA ILE A 6 -28.36 10.02 -37.26
C ILE A 6 -27.60 8.91 -36.55
N SER A 7 -26.72 8.28 -37.32
CA SER A 7 -25.92 7.19 -36.79
CA SER A 7 -25.90 7.19 -36.80
C SER A 7 -24.84 7.82 -35.90
N VAL A 8 -24.59 7.15 -34.77
CA VAL A 8 -23.69 7.69 -33.75
C VAL A 8 -22.74 6.59 -33.29
N ARG A 9 -21.45 6.91 -33.24
CA ARG A 9 -20.47 6.02 -32.67
C ARG A 9 -19.94 6.67 -31.37
N VAL A 10 -19.81 5.83 -30.35
CA VAL A 10 -19.27 6.26 -29.06
C VAL A 10 -18.14 5.28 -28.75
N THR A 11 -16.91 5.81 -28.65
CA THR A 11 -15.73 5.05 -28.31
C THR A 11 -15.33 5.33 -26.85
N THR A 12 -15.32 4.28 -26.02
CA THR A 12 -14.78 4.35 -24.67
C THR A 12 -13.31 4.02 -24.72
N MET A 13 -12.68 4.00 -23.52
CA MET A 13 -11.28 3.60 -23.47
C MET A 13 -11.09 2.14 -23.96
N ASP A 14 -12.11 1.31 -23.95
CA ASP A 14 -11.87 -0.06 -24.41
C ASP A 14 -13.06 -0.67 -25.15
N ALA A 15 -14.00 0.12 -25.68
CA ALA A 15 -15.05 -0.45 -26.52
C ALA A 15 -15.56 0.58 -27.53
N GLU A 16 -16.12 0.07 -28.62
CA GLU A 16 -16.73 0.91 -29.65
C GLU A 16 -18.21 0.58 -29.67
N LEU A 17 -19.05 1.60 -29.49
CA LEU A 17 -20.50 1.38 -29.39
C LEU A 17 -21.13 2.10 -30.57
N GLU A 18 -22.32 1.63 -30.97
CA GLU A 18 -23.00 2.26 -32.10
C GLU A 18 -24.47 2.39 -31.76
N PHE A 19 -25.00 3.56 -32.15
CA PHE A 19 -26.38 3.91 -31.89
C PHE A 19 -26.95 4.60 -33.12
N ALA A 20 -28.27 4.75 -33.10
CA ALA A 20 -28.99 5.46 -34.15
C ALA A 20 -30.12 6.24 -33.49
N ILE A 21 -29.96 7.58 -33.50
CA ILE A 21 -30.80 8.43 -32.67
C ILE A 21 -31.81 9.19 -33.57
N GLN A 22 -32.72 9.91 -32.90
CA GLN A 22 -33.79 10.67 -33.51
C GLN A 22 -33.46 12.17 -33.47
N PRO A 23 -34.11 13.01 -34.32
CA PRO A 23 -33.84 14.45 -34.32
C PRO A 23 -33.88 15.16 -32.95
N ASN A 24 -34.77 14.72 -32.05
CA ASN A 24 -35.02 15.35 -30.76
C ASN A 24 -34.31 14.58 -29.61
N THR A 25 -33.50 13.56 -29.91
CA THR A 25 -32.72 12.88 -28.87
C THR A 25 -31.80 13.88 -28.14
N THR A 26 -31.89 13.90 -26.81
CA THR A 26 -31.05 14.78 -25.98
C THR A 26 -29.69 14.13 -25.69
N GLY A 27 -28.74 14.98 -25.30
CA GLY A 27 -27.49 14.49 -24.77
C GLY A 27 -27.68 13.48 -23.67
N LYS A 28 -28.57 13.77 -22.71
CA LYS A 28 -28.76 12.88 -21.57
C LYS A 28 -29.25 11.51 -22.01
N GLN A 29 -30.17 11.48 -23.01
CA GLN A 29 -30.69 10.22 -23.52
C GLN A 29 -29.56 9.40 -24.14
N LEU A 30 -28.72 10.00 -24.99
CA LEU A 30 -27.59 9.27 -25.57
C LEU A 30 -26.63 8.78 -24.47
N PHE A 31 -26.26 9.67 -23.56
CA PHE A 31 -25.38 9.34 -22.44
C PHE A 31 -25.95 8.15 -21.66
N ASP A 32 -27.26 8.18 -21.36
CA ASP A 32 -27.84 7.09 -20.58
C ASP A 32 -27.79 5.75 -21.32
N GLN A 33 -27.92 5.75 -22.66
CA GLN A 33 -27.81 4.55 -23.47
C GLN A 33 -26.36 4.02 -23.38
N VAL A 34 -25.35 4.90 -23.46
CA VAL A 34 -23.96 4.50 -23.35
C VAL A 34 -23.72 3.81 -21.99
N VAL A 35 -24.08 4.45 -20.89
CA VAL A 35 -23.66 3.93 -19.59
C VAL A 35 -24.39 2.63 -19.27
N LYS A 36 -25.63 2.51 -19.80
CA LYS A 36 -26.41 1.30 -19.64
C LYS A 36 -25.75 0.15 -20.42
N THR A 37 -25.27 0.45 -21.61
CA THR A 37 -24.63 -0.54 -22.45
C THR A 37 -23.38 -1.10 -21.76
N ILE A 38 -22.54 -0.22 -21.19
CA ILE A 38 -21.27 -0.68 -20.65
C ILE A 38 -21.40 -1.15 -19.21
N GLY A 39 -22.54 -0.89 -18.56
CA GLY A 39 -22.69 -1.26 -17.16
C GLY A 39 -21.97 -0.33 -16.19
N LEU A 40 -21.91 0.98 -16.49
CA LEU A 40 -21.31 1.97 -15.58
C LEU A 40 -22.38 2.64 -14.73
N ARG A 41 -22.15 2.73 -13.40
CA ARG A 41 -23.08 3.36 -12.48
C ARG A 41 -22.53 4.65 -11.89
N GLU A 42 -21.19 4.80 -11.76
CA GLU A 42 -20.63 6.01 -11.19
C GLU A 42 -20.45 7.03 -12.33
N VAL A 43 -21.60 7.51 -12.82
CA VAL A 43 -21.66 8.22 -14.11
C VAL A 43 -21.26 9.68 -13.96
N TRP A 44 -21.32 10.20 -12.73
CA TRP A 44 -21.12 11.61 -12.48
C TRP A 44 -19.79 12.15 -13.01
N PHE A 45 -18.75 11.32 -13.09
CA PHE A 45 -17.42 11.75 -13.48
C PHE A 45 -17.33 11.96 -15.01
N PHE A 46 -18.34 11.48 -15.77
CA PHE A 46 -18.13 11.26 -17.19
C PHE A 46 -18.89 12.24 -18.10
N GLY A 47 -18.41 12.23 -19.35
CA GLY A 47 -18.93 13.07 -20.43
C GLY A 47 -18.69 12.45 -21.80
N LEU A 48 -19.31 13.06 -22.84
CA LEU A 48 -19.19 12.69 -24.24
C LEU A 48 -18.52 13.84 -24.93
N GLN A 49 -17.32 13.63 -25.45
CA GLN A 49 -16.54 14.67 -26.06
C GLN A 49 -16.61 14.50 -27.58
N TYR A 50 -16.68 15.63 -28.31
CA TYR A 50 -16.75 15.60 -29.76
C TYR A 50 -15.85 16.70 -30.31
N GLN A 51 -15.70 16.65 -31.64
CA GLN A 51 -15.08 17.75 -32.39
C GLN A 51 -16.19 18.57 -33.02
N ASP A 52 -16.17 19.87 -32.76
CA ASP A 52 -17.20 20.72 -33.37
C ASP A 52 -16.81 21.00 -34.84
N THR A 53 -17.64 21.78 -35.52
CA THR A 53 -17.44 22.05 -36.95
C THR A 53 -16.16 22.85 -37.20
N LYS A 54 -15.64 23.56 -36.17
CA LYS A 54 -14.41 24.33 -36.27
C LYS A 54 -13.19 23.59 -35.71
N GLY A 55 -13.32 22.29 -35.44
CA GLY A 55 -12.19 21.47 -35.00
C GLY A 55 -11.82 21.56 -33.51
N PHE A 56 -12.69 22.12 -32.65
CA PHE A 56 -12.38 22.23 -31.24
C PHE A 56 -13.07 21.08 -30.46
N SER A 57 -12.30 20.42 -29.60
CA SER A 57 -12.79 19.42 -28.66
C SER A 57 -13.82 20.08 -27.73
N THR A 58 -15.01 19.48 -27.64
CA THR A 58 -16.11 20.09 -26.92
C THR A 58 -16.83 18.99 -26.13
N TRP A 59 -17.39 19.33 -24.97
CA TRP A 59 -18.27 18.40 -24.25
C TRP A 59 -19.73 18.51 -24.73
N LEU A 60 -20.35 17.36 -24.99
CA LEU A 60 -21.79 17.37 -25.25
C LEU A 60 -22.55 17.87 -24.01
N LYS A 61 -23.44 18.85 -24.24
CA LYS A 61 -24.36 19.29 -23.20
C LYS A 61 -25.50 18.29 -23.09
N LEU A 62 -25.74 17.76 -21.87
CA LEU A 62 -26.72 16.71 -21.70
C LEU A 62 -28.16 17.25 -21.70
N ASN A 63 -28.30 18.57 -21.49
CA ASN A 63 -29.59 19.22 -21.42
C ASN A 63 -30.00 19.82 -22.77
N LYS A 64 -29.34 19.45 -23.87
CA LYS A 64 -29.72 19.94 -25.20
C LYS A 64 -29.80 18.74 -26.14
N LYS A 65 -30.56 18.90 -27.22
CA LYS A 65 -30.57 17.96 -28.32
C LYS A 65 -29.17 17.76 -28.91
N VAL A 66 -28.83 16.50 -29.24
CA VAL A 66 -27.55 16.20 -29.87
C VAL A 66 -27.36 17.00 -31.17
N THR A 67 -28.44 17.09 -31.98
CA THR A 67 -28.36 17.72 -33.30
C THR A 67 -28.28 19.24 -33.26
N ALA A 68 -28.51 19.84 -32.08
CA ALA A 68 -28.48 21.28 -31.96
C ALA A 68 -27.12 21.75 -31.44
N GLN A 69 -26.06 20.93 -31.47
CA GLN A 69 -24.84 21.36 -30.81
C GLN A 69 -23.60 21.54 -31.69
N ASP A 70 -23.76 21.63 -33.00
CA ASP A 70 -22.56 21.92 -33.81
C ASP A 70 -21.54 20.77 -33.79
N VAL A 71 -22.02 19.52 -33.67
CA VAL A 71 -21.18 18.34 -33.86
C VAL A 71 -20.76 18.20 -35.34
N ARG A 72 -19.47 18.00 -35.58
CA ARG A 72 -18.97 17.73 -36.92
C ARG A 72 -19.86 16.69 -37.64
N LYS A 73 -20.35 17.10 -38.82
CA LYS A 73 -21.35 16.37 -39.60
C LYS A 73 -20.68 15.21 -40.34
N GLU A 74 -21.07 13.98 -39.98
CA GLU A 74 -20.47 12.82 -40.61
C GLU A 74 -21.30 11.61 -40.19
N SER A 75 -21.08 10.51 -40.88
CA SER A 75 -21.84 9.31 -40.60
C SER A 75 -20.84 8.21 -40.26
N PRO A 76 -20.79 7.75 -38.98
CA PRO A 76 -21.57 8.31 -37.87
C PRO A 76 -21.00 9.58 -37.23
N LEU A 77 -21.80 10.31 -36.42
CA LEU A 77 -21.25 11.30 -35.49
C LEU A 77 -20.25 10.59 -34.54
N LEU A 78 -19.12 11.23 -34.21
CA LEU A 78 -18.06 10.57 -33.43
C LEU A 78 -17.95 11.22 -32.04
N PHE A 79 -18.20 10.40 -31.00
CA PHE A 79 -18.00 10.84 -29.62
C PHE A 79 -16.96 9.97 -28.92
N LYS A 80 -16.20 10.60 -27.99
CA LYS A 80 -15.32 9.86 -27.07
C LYS A 80 -15.92 9.92 -25.67
N PHE A 81 -16.27 8.78 -25.11
CA PHE A 81 -16.72 8.71 -23.72
C PHE A 81 -15.50 8.73 -22.79
N ARG A 82 -15.41 9.76 -21.95
CA ARG A 82 -14.20 10.06 -21.17
C ARG A 82 -14.59 10.56 -19.79
N ALA A 83 -13.71 10.31 -18.81
CA ALA A 83 -13.79 10.99 -17.52
C ALA A 83 -13.57 12.48 -17.77
N LYS A 84 -14.52 13.30 -17.30
CA LYS A 84 -14.46 14.75 -17.37
C LYS A 84 -14.05 15.41 -16.04
N PHE A 85 -14.47 14.77 -14.95
CA PHE A 85 -14.22 15.21 -13.59
C PHE A 85 -13.44 14.11 -12.87
N TYR A 86 -12.57 14.53 -11.95
CA TYR A 86 -11.67 13.65 -11.27
C TYR A 86 -11.97 13.69 -9.79
N PRO A 87 -11.93 12.51 -9.10
CA PRO A 87 -12.12 12.51 -7.67
C PRO A 87 -10.96 13.20 -6.95
N GLU A 88 -11.18 13.58 -5.69
CA GLU A 88 -10.07 14.00 -4.84
C GLU A 88 -9.20 12.80 -4.40
N ASP A 89 -9.78 11.64 -4.27
CA ASP A 89 -9.01 10.44 -3.90
C ASP A 89 -9.62 9.21 -4.55
N VAL A 90 -8.86 8.52 -5.41
CA VAL A 90 -9.38 7.34 -6.11
C VAL A 90 -9.80 6.20 -5.16
N SER A 91 -9.06 5.94 -4.09
CA SER A 91 -9.42 4.85 -3.18
C SER A 91 -10.78 5.06 -2.51
N GLU A 92 -11.12 6.30 -2.19
CA GLU A 92 -12.35 6.59 -1.47
C GLU A 92 -13.51 6.64 -2.46
N GLU A 93 -13.23 7.12 -3.68
CA GLU A 93 -14.32 7.59 -4.53
C GLU A 93 -14.56 6.83 -5.81
N LEU A 94 -13.61 6.04 -6.28
CA LEU A 94 -13.92 5.12 -7.38
C LEU A 94 -14.28 3.76 -6.82
N ILE A 95 -15.59 3.53 -6.59
CA ILE A 95 -16.04 2.38 -5.82
C ILE A 95 -15.84 1.09 -6.63
N GLN A 96 -16.23 1.14 -7.91
CA GLN A 96 -16.43 -0.04 -8.72
C GLN A 96 -15.24 -0.25 -9.64
N ASP A 97 -15.00 -1.53 -9.96
CA ASP A 97 -13.85 -1.93 -10.73
C ASP A 97 -13.95 -1.36 -12.15
N ILE A 98 -15.16 -1.35 -12.74
CA ILE A 98 -15.29 -0.71 -14.05
C ILE A 98 -14.86 0.76 -14.03
N THR A 99 -15.28 1.53 -13.02
CA THR A 99 -14.90 2.94 -12.92
C THR A 99 -13.39 3.12 -12.85
N GLN A 100 -12.75 2.27 -12.03
CA GLN A 100 -11.32 2.33 -11.86
C GLN A 100 -10.64 2.01 -13.19
N ARG A 101 -11.16 1.03 -13.94
CA ARG A 101 -10.51 0.63 -15.18
CA ARG A 101 -10.53 0.61 -15.19
C ARG A 101 -10.60 1.77 -16.19
N LEU A 102 -11.76 2.42 -16.26
CA LEU A 102 -11.90 3.50 -17.24
C LEU A 102 -10.97 4.65 -16.92
N PHE A 103 -10.85 4.97 -15.62
CA PHE A 103 -9.94 6.02 -15.21
C PHE A 103 -8.49 5.64 -15.51
N PHE A 104 -8.13 4.44 -15.10
CA PHE A 104 -6.78 3.91 -15.37
C PHE A 104 -6.37 4.01 -16.85
N LEU A 105 -7.24 3.53 -17.75
CA LEU A 105 -6.91 3.54 -19.17
C LEU A 105 -6.74 4.96 -19.69
N GLN A 106 -7.57 5.91 -19.21
CA GLN A 106 -7.53 7.27 -19.73
C GLN A 106 -6.29 8.02 -19.22
N VAL A 107 -6.03 7.85 -17.93
CA VAL A 107 -4.89 8.49 -17.30
C VAL A 107 -3.61 7.95 -17.91
N LYS A 108 -3.55 6.63 -18.08
CA LYS A 108 -2.37 6.02 -18.70
C LYS A 108 -2.14 6.54 -20.14
N GLU A 109 -3.21 6.70 -20.94
CA GLU A 109 -3.09 7.37 -22.22
C GLU A 109 -2.41 8.74 -22.12
N GLY A 110 -2.86 9.59 -21.18
CA GLY A 110 -2.32 10.93 -21.01
C GLY A 110 -0.86 10.93 -20.53
N ILE A 111 -0.47 9.92 -19.72
CA ILE A 111 0.92 9.76 -19.31
C ILE A 111 1.76 9.36 -20.54
N LEU A 112 1.31 8.34 -21.29
CA LEU A 112 2.10 7.82 -22.39
C LEU A 112 2.23 8.81 -23.56
N ASN A 113 1.23 9.70 -23.75
CA ASN A 113 1.21 10.64 -24.86
C ASN A 113 1.84 11.95 -24.43
N ASP A 114 2.39 12.00 -23.19
CA ASP A 114 3.08 13.18 -22.66
C ASP A 114 2.13 14.34 -22.29
N ASP A 115 0.81 14.17 -22.33
CA ASP A 115 -0.14 15.17 -21.86
C ASP A 115 0.08 15.54 -20.38
N ILE A 116 0.30 14.50 -19.58
CA ILE A 116 0.45 14.61 -18.14
C ILE A 116 1.90 14.31 -17.82
N TYR A 117 2.65 15.35 -17.46
CA TYR A 117 4.07 15.19 -17.17
C TYR A 117 4.23 14.12 -16.10
N CYS A 118 5.26 13.29 -16.27
CA CYS A 118 5.64 12.25 -15.34
C CYS A 118 7.17 12.17 -15.32
N PRO A 119 7.84 12.25 -14.14
CA PRO A 119 9.29 11.99 -14.08
C PRO A 119 9.62 10.53 -14.43
N PRO A 120 10.85 10.26 -14.92
CA PRO A 120 11.23 8.93 -15.39
C PRO A 120 11.02 7.77 -14.41
N GLU A 121 11.50 7.96 -13.19
CA GLU A 121 11.40 6.94 -12.15
C GLU A 121 9.92 6.61 -11.86
N THR A 122 9.05 7.64 -11.83
CA THR A 122 7.62 7.42 -11.63
C THR A 122 7.02 6.70 -12.82
N ALA A 123 7.49 7.05 -14.04
CA ALA A 123 7.02 6.41 -15.25
C ALA A 123 7.34 4.91 -15.28
N VAL A 124 8.54 4.51 -14.82
CA VAL A 124 8.91 3.10 -14.72
C VAL A 124 8.05 2.38 -13.68
N LEU A 125 7.84 3.00 -12.49
CA LEU A 125 6.97 2.45 -11.46
C LEU A 125 5.53 2.26 -11.95
N LEU A 126 5.00 3.29 -12.62
CA LEU A 126 3.66 3.20 -13.22
C LEU A 126 3.63 2.05 -14.23
N ALA A 127 4.64 1.97 -15.11
CA ALA A 127 4.68 0.93 -16.14
C ALA A 127 4.63 -0.46 -15.52
N SER A 128 5.29 -0.62 -14.35
CA SER A 128 5.34 -1.91 -13.67
C SER A 128 3.97 -2.35 -13.18
N TYR A 129 3.14 -1.40 -12.72
CA TYR A 129 1.79 -1.70 -12.32
C TYR A 129 0.92 -2.00 -13.54
N ALA A 130 1.09 -1.24 -14.64
CA ALA A 130 0.39 -1.55 -15.88
C ALA A 130 0.70 -2.99 -16.32
N VAL A 131 1.99 -3.35 -16.21
CA VAL A 131 2.40 -4.71 -16.59
C VAL A 131 1.80 -5.76 -15.65
N GLN A 132 1.84 -5.58 -14.32
CA GLN A 132 1.19 -6.54 -13.39
C GLN A 132 -0.29 -6.73 -13.72
N SER A 133 -1.00 -5.64 -14.04
CA SER A 133 -2.39 -5.72 -14.43
C SER A 133 -2.58 -6.55 -15.70
N LYS A 134 -1.74 -6.31 -16.70
CA LYS A 134 -1.97 -6.93 -18.00
C LYS A 134 -1.47 -8.39 -18.03
N TYR A 135 -0.36 -8.66 -17.35
CA TYR A 135 0.33 -9.95 -17.48
C TYR A 135 0.10 -10.83 -16.27
N GLY A 136 -0.29 -10.22 -15.15
CA GLY A 136 -0.27 -10.89 -13.86
C GLY A 136 1.16 -11.11 -13.37
N ASP A 137 1.34 -12.08 -12.46
CA ASP A 137 2.60 -12.24 -11.75
C ASP A 137 3.68 -12.52 -12.77
N PHE A 138 4.85 -11.93 -12.60
CA PHE A 138 6.01 -12.33 -13.36
C PHE A 138 6.28 -13.82 -13.13
N ASN A 139 6.57 -14.55 -14.21
CA ASN A 139 6.70 -16.00 -14.19
C ASN A 139 7.85 -16.35 -15.14
N LYS A 140 9.01 -16.69 -14.55
CA LYS A 140 10.27 -16.78 -15.28
C LYS A 140 10.22 -17.86 -16.36
N GLU A 141 9.29 -18.83 -16.22
CA GLU A 141 9.08 -19.88 -17.21
C GLU A 141 8.45 -19.31 -18.48
N VAL A 142 7.71 -18.20 -18.35
CA VAL A 142 6.87 -17.68 -19.43
C VAL A 142 7.41 -16.32 -19.88
N HIS A 143 7.75 -15.44 -18.93
CA HIS A 143 8.19 -14.09 -19.26
C HIS A 143 9.70 -14.06 -19.47
N LYS A 144 10.12 -14.24 -20.72
CA LYS A 144 11.53 -14.21 -21.11
C LYS A 144 11.90 -12.83 -21.64
N SER A 145 13.19 -12.60 -21.87
CA SER A 145 13.69 -11.37 -22.46
C SER A 145 12.82 -11.03 -23.68
N GLY A 146 12.32 -9.79 -23.73
CA GLY A 146 11.43 -9.35 -24.79
C GLY A 146 9.94 -9.61 -24.52
N TYR A 147 9.56 -10.09 -23.32
CA TYR A 147 8.14 -10.27 -23.01
C TYR A 147 7.36 -8.95 -23.06
N LEU A 148 8.04 -7.80 -22.96
CA LEU A 148 7.38 -6.49 -23.00
C LEU A 148 7.59 -5.77 -24.34
N ALA A 149 8.30 -6.40 -25.28
CA ALA A 149 8.74 -5.74 -26.53
C ALA A 149 7.57 -5.20 -27.35
N GLY A 150 6.42 -5.89 -27.25
CA GLY A 150 5.22 -5.48 -27.96
C GLY A 150 4.39 -4.38 -27.28
N ASP A 151 4.92 -3.70 -26.22
CA ASP A 151 4.12 -2.85 -25.34
C ASP A 151 4.61 -1.39 -25.35
N LYS A 152 3.67 -0.45 -25.41
CA LYS A 152 4.01 0.95 -25.19
C LYS A 152 3.85 1.23 -23.70
N LEU A 153 4.98 1.45 -23.04
CA LEU A 153 5.07 1.39 -21.60
C LEU A 153 5.52 2.73 -20.99
N LEU A 154 6.30 3.53 -21.71
CA LEU A 154 6.88 4.78 -21.22
C LEU A 154 6.49 5.98 -22.08
N PRO A 155 6.37 7.18 -21.46
CA PRO A 155 6.19 8.43 -22.17
C PRO A 155 7.30 8.63 -23.20
N GLN A 156 6.96 9.27 -24.31
CA GLN A 156 7.94 9.57 -25.34
C GLN A 156 9.04 10.46 -24.79
N ARG A 157 8.72 11.44 -23.93
CA ARG A 157 9.76 12.32 -23.41
C ARG A 157 10.81 11.52 -22.63
N VAL A 158 10.37 10.50 -21.87
CA VAL A 158 11.29 9.67 -21.10
C VAL A 158 12.18 8.87 -22.05
N LEU A 159 11.60 8.22 -23.07
CA LEU A 159 12.37 7.46 -24.05
C LEU A 159 13.40 8.36 -24.75
N GLU A 160 12.96 9.54 -25.21
CA GLU A 160 13.83 10.42 -25.99
C GLU A 160 14.96 11.01 -25.15
N GLN A 161 14.68 11.33 -23.89
CA GLN A 161 15.62 12.08 -23.09
C GLN A 161 16.60 11.16 -22.36
N HIS A 162 16.49 9.83 -22.53
CA HIS A 162 17.47 8.89 -21.98
C HIS A 162 18.14 8.11 -23.12
N LYS A 163 19.20 7.36 -22.80
CA LYS A 163 20.02 6.69 -23.81
C LYS A 163 19.71 5.20 -23.87
N LEU A 164 18.82 4.71 -22.99
CA LEU A 164 18.59 3.29 -22.88
C LEU A 164 17.90 2.78 -24.13
N ASN A 165 18.15 1.51 -24.48
CA ASN A 165 17.40 0.84 -25.53
C ASN A 165 16.20 0.12 -24.92
N LYS A 166 15.35 -0.47 -25.78
CA LYS A 166 14.14 -1.12 -25.32
C LYS A 166 14.44 -2.25 -24.32
N ASP A 167 15.56 -2.95 -24.48
CA ASP A 167 15.89 -4.07 -23.61
C ASP A 167 16.21 -3.57 -22.19
N GLN A 168 16.96 -2.47 -22.10
CA GLN A 168 17.34 -1.85 -20.84
C GLN A 168 16.10 -1.29 -20.12
N TRP A 169 15.16 -0.70 -20.87
CA TRP A 169 13.91 -0.23 -20.26
C TRP A 169 13.11 -1.40 -19.72
N GLU A 170 13.04 -2.48 -20.52
CA GLU A 170 12.31 -3.67 -20.11
C GLU A 170 12.86 -4.22 -18.80
N GLU A 171 14.19 -4.25 -18.64
CA GLU A 171 14.78 -4.83 -17.43
C GLU A 171 14.44 -3.99 -16.21
N ARG A 172 14.46 -2.66 -16.36
CA ARG A 172 14.11 -1.78 -15.25
C ARG A 172 12.64 -1.98 -14.81
N ILE A 173 11.74 -2.15 -15.78
CA ILE A 173 10.33 -2.35 -15.46
C ILE A 173 10.13 -3.74 -14.85
N GLN A 174 10.86 -4.74 -15.35
CA GLN A 174 10.79 -6.11 -14.83
C GLN A 174 11.17 -6.21 -13.35
N VAL A 175 12.18 -5.45 -12.91
CA VAL A 175 12.59 -5.42 -11.50
C VAL A 175 11.37 -5.12 -10.63
N TRP A 176 10.62 -4.09 -11.01
CA TRP A 176 9.43 -3.69 -10.29
C TRP A 176 8.32 -4.69 -10.48
N HIS A 177 8.12 -5.16 -11.72
CA HIS A 177 7.10 -6.18 -11.96
C HIS A 177 7.27 -7.34 -10.97
N GLU A 178 8.50 -7.81 -10.83
CA GLU A 178 8.77 -8.96 -9.95
C GLU A 178 8.42 -8.65 -8.50
N GLU A 179 8.69 -7.42 -8.05
CA GLU A 179 8.25 -7.00 -6.72
C GLU A 179 6.75 -7.09 -6.47
N HIS A 180 5.90 -7.08 -7.52
CA HIS A 180 4.45 -7.02 -7.33
C HIS A 180 3.84 -8.42 -7.23
N ARG A 181 4.66 -9.50 -7.18
CA ARG A 181 4.11 -10.84 -7.29
C ARG A 181 3.09 -11.04 -6.16
N GLY A 182 1.95 -11.66 -6.48
CA GLY A 182 0.84 -11.82 -5.54
C GLY A 182 -0.22 -10.72 -5.63
N MET A 183 0.08 -9.61 -6.34
CA MET A 183 -0.84 -8.48 -6.35
C MET A 183 -1.94 -8.73 -7.38
N LEU A 184 -3.20 -8.62 -6.98
CA LEU A 184 -4.31 -8.82 -7.90
C LEU A 184 -4.24 -7.77 -9.02
N ARG A 185 -4.62 -8.15 -10.24
CA ARG A 185 -4.63 -7.20 -11.36
C ARG A 185 -5.39 -5.90 -11.05
N GLU A 186 -6.56 -6.00 -10.41
CA GLU A 186 -7.41 -4.85 -10.12
CA GLU A 186 -7.41 -4.86 -10.11
C GLU A 186 -6.74 -3.97 -9.05
N ASP A 187 -5.91 -4.59 -8.17
CA ASP A 187 -5.17 -3.86 -7.17
C ASP A 187 -4.01 -3.07 -7.82
N ALA A 188 -3.35 -3.64 -8.83
CA ALA A 188 -2.29 -2.95 -9.56
C ALA A 188 -2.87 -1.73 -10.30
N VAL A 189 -4.09 -1.85 -10.84
CA VAL A 189 -4.78 -0.70 -11.45
C VAL A 189 -4.95 0.45 -10.44
N LEU A 190 -5.48 0.11 -9.26
CA LEU A 190 -5.64 1.07 -8.19
C LEU A 190 -4.30 1.66 -7.76
N GLU A 191 -3.22 0.86 -7.60
CA GLU A 191 -1.91 1.40 -7.23
C GLU A 191 -1.39 2.36 -8.30
N TYR A 192 -1.62 2.03 -9.60
CA TYR A 192 -1.29 2.94 -10.69
C TYR A 192 -1.93 4.30 -10.45
N LEU A 193 -3.25 4.29 -10.21
CA LEU A 193 -4.00 5.53 -10.03
C LEU A 193 -3.58 6.30 -8.78
N LYS A 194 -3.23 5.60 -7.68
CA LYS A 194 -2.79 6.26 -6.45
C LYS A 194 -1.50 7.05 -6.68
N ILE A 195 -0.61 6.51 -7.52
CA ILE A 195 0.57 7.25 -7.95
C ILE A 195 0.20 8.42 -8.87
N ALA A 196 -0.58 8.14 -9.93
CA ALA A 196 -0.85 9.14 -10.94
C ALA A 196 -1.61 10.35 -10.39
N GLN A 197 -2.50 10.14 -9.39
CA GLN A 197 -3.36 11.20 -8.90
C GLN A 197 -2.52 12.26 -8.16
N ASP A 198 -1.26 11.93 -7.80
CA ASP A 198 -0.42 12.92 -7.10
C ASP A 198 0.50 13.65 -8.08
N LEU A 199 0.47 13.32 -9.38
CA LEU A 199 1.19 14.14 -10.36
C LEU A 199 0.61 15.55 -10.45
N GLU A 200 1.48 16.56 -10.68
CA GLU A 200 1.11 17.95 -10.66
C GLU A 200 0.06 18.31 -11.73
N MET A 201 0.08 17.66 -12.89
CA MET A 201 -0.82 17.96 -14.00
C MET A 201 -2.06 17.07 -13.98
N TYR A 202 -2.13 16.12 -13.04
CA TYR A 202 -3.24 15.18 -13.02
C TYR A 202 -4.53 15.94 -12.74
N GLY A 203 -5.53 15.66 -13.57
CA GLY A 203 -6.87 16.19 -13.35
C GLY A 203 -7.01 17.69 -13.61
N VAL A 204 -6.04 18.33 -14.28
CA VAL A 204 -6.08 19.75 -14.55
C VAL A 204 -6.43 20.02 -16.04
N ASN A 205 -7.39 20.93 -16.22
CA ASN A 205 -7.71 21.55 -17.51
C ASN A 205 -7.11 22.94 -17.58
N TYR A 206 -6.28 23.17 -18.61
CA TYR A 206 -5.53 24.41 -18.77
C TYR A 206 -6.14 25.21 -19.90
N PHE A 207 -6.30 26.50 -19.65
CA PHE A 207 -6.80 27.45 -20.63
C PHE A 207 -5.79 28.58 -20.83
N SER A 208 -5.51 28.92 -22.11
CA SER A 208 -4.64 30.04 -22.43
C SER A 208 -5.34 31.39 -22.18
N ILE A 209 -4.71 32.23 -21.36
CA ILE A 209 -5.25 33.53 -20.94
C ILE A 209 -4.14 34.57 -20.95
N LYS A 210 -4.54 35.85 -20.75
CA LYS A 210 -3.60 36.95 -20.53
C LYS A 210 -4.02 37.79 -19.34
N ASN A 211 -3.03 38.46 -18.71
CA ASN A 211 -3.33 39.46 -17.69
C ASN A 211 -3.64 40.77 -18.40
N LYS A 212 -3.91 41.83 -17.64
CA LYS A 212 -4.25 43.12 -18.22
C LYS A 212 -3.10 43.67 -19.09
N LYS A 213 -1.85 43.46 -18.68
CA LYS A 213 -0.69 43.92 -19.44
C LYS A 213 -0.53 43.19 -20.77
N GLY A 214 -1.24 42.07 -20.97
CA GLY A 214 -1.12 41.24 -22.16
C GLY A 214 -0.08 40.12 -22.00
N SER A 215 0.45 39.88 -20.79
CA SER A 215 1.29 38.71 -20.53
C SER A 215 0.49 37.39 -20.57
N GLU A 216 1.03 36.41 -21.28
CA GLU A 216 0.46 35.07 -21.40
C GLU A 216 0.64 34.30 -20.10
N LEU A 217 -0.44 33.59 -19.71
CA LEU A 217 -0.50 32.77 -18.51
C LEU A 217 -1.38 31.56 -18.84
N TRP A 218 -1.44 30.61 -17.90
CA TRP A 218 -2.38 29.51 -17.97
C TRP A 218 -3.29 29.59 -16.76
N LEU A 219 -4.57 29.35 -17.01
CA LEU A 219 -5.52 29.07 -15.95
C LEU A 219 -5.67 27.58 -15.88
N GLY A 220 -5.58 27.01 -14.68
CA GLY A 220 -6.01 25.65 -14.49
C GLY A 220 -7.31 25.61 -13.69
N VAL A 221 -8.18 24.67 -14.08
CA VAL A 221 -9.38 24.32 -13.33
C VAL A 221 -9.26 22.86 -12.89
N ASP A 222 -9.50 22.57 -11.62
CA ASP A 222 -9.42 21.20 -11.16
C ASP A 222 -10.40 20.96 -10.01
N ALA A 223 -10.36 19.72 -9.42
CA ALA A 223 -11.36 19.37 -8.40
C ALA A 223 -11.41 20.40 -7.24
N LEU A 224 -10.27 21.04 -6.94
CA LEU A 224 -10.10 21.82 -5.72
C LEU A 224 -10.22 23.32 -5.94
N GLY A 225 -10.30 23.75 -7.21
CA GLY A 225 -10.41 25.19 -7.42
C GLY A 225 -9.70 25.62 -8.72
N LEU A 226 -9.25 26.86 -8.72
CA LEU A 226 -8.58 27.46 -9.88
C LEU A 226 -7.13 27.75 -9.52
N ASN A 227 -6.27 27.80 -10.54
CA ASN A 227 -4.87 28.13 -10.35
C ASN A 227 -4.40 28.98 -11.53
N ILE A 228 -3.50 29.92 -11.26
CA ILE A 228 -2.83 30.72 -12.28
C ILE A 228 -1.38 30.21 -12.35
N TYR A 229 -0.93 29.95 -13.58
CA TYR A 229 0.42 29.47 -13.86
C TYR A 229 1.13 30.43 -14.82
N GLU A 230 2.47 30.50 -14.66
CA GLU A 230 3.37 31.10 -15.64
C GLU A 230 3.16 30.39 -16.98
N GLN A 231 3.37 31.14 -18.07
CA GLN A 231 3.25 30.60 -19.42
C GLN A 231 4.12 29.34 -19.55
N ASN A 232 5.31 29.34 -18.90
CA ASN A 232 6.28 28.32 -19.14
C ASN A 232 6.41 27.35 -17.95
N ASP A 233 5.46 27.27 -16.99
CA ASP A 233 5.47 26.22 -15.99
C ASP A 233 4.03 25.88 -15.57
N ARG A 234 3.56 24.70 -15.96
CA ARG A 234 2.19 24.26 -15.69
C ARG A 234 2.17 23.23 -14.58
N LEU A 235 3.26 23.16 -13.83
CA LEU A 235 3.40 22.21 -12.73
C LEU A 235 3.01 22.85 -11.39
N THR A 236 3.59 24.04 -11.14
CA THR A 236 3.50 24.73 -9.88
C THR A 236 2.73 26.01 -10.06
N PRO A 237 1.51 26.15 -9.45
CA PRO A 237 0.79 27.41 -9.56
C PRO A 237 1.57 28.61 -9.03
N LYS A 238 1.44 29.71 -9.78
CA LYS A 238 1.86 31.02 -9.35
C LYS A 238 0.92 31.57 -8.27
N ILE A 239 -0.39 31.40 -8.43
CA ILE A 239 -1.41 31.82 -7.46
C ILE A 239 -2.46 30.70 -7.44
N GLY A 240 -2.86 30.29 -6.25
CA GLY A 240 -3.93 29.31 -6.09
C GLY A 240 -5.20 29.97 -5.59
N PHE A 241 -6.33 29.52 -6.15
CA PHE A 241 -7.64 29.99 -5.75
C PHE A 241 -8.50 28.80 -5.39
N PRO A 242 -8.30 28.15 -4.22
CA PRO A 242 -9.22 27.08 -3.82
C PRO A 242 -10.62 27.63 -3.56
N TRP A 243 -11.62 26.75 -3.58
CA TRP A 243 -13.01 27.14 -3.43
C TRP A 243 -13.20 28.02 -2.18
N SER A 244 -12.56 27.61 -1.07
CA SER A 244 -12.75 28.24 0.22
C SER A 244 -12.25 29.69 0.21
N GLU A 245 -11.44 30.07 -0.78
CA GLU A 245 -10.98 31.47 -0.84
C GLU A 245 -11.74 32.29 -1.88
N ILE A 246 -12.61 31.65 -2.68
CA ILE A 246 -13.34 32.36 -3.75
C ILE A 246 -14.70 32.84 -3.23
N ARG A 247 -15.00 34.13 -3.42
CA ARG A 247 -16.31 34.68 -3.09
C ARG A 247 -17.23 34.63 -4.32
N ASN A 248 -16.68 34.98 -5.48
CA ASN A 248 -17.44 34.93 -6.73
C ASN A 248 -16.50 34.82 -7.92
N ILE A 249 -16.87 33.98 -8.90
CA ILE A 249 -16.27 34.07 -10.23
C ILE A 249 -17.36 34.50 -11.25
N SER A 250 -16.97 35.29 -12.22
CA SER A 250 -17.89 35.88 -13.18
C SER A 250 -17.12 36.18 -14.44
N PHE A 251 -17.84 36.50 -15.54
CA PHE A 251 -17.16 37.00 -16.72
C PHE A 251 -18.07 38.05 -17.35
N ASN A 252 -17.47 38.83 -18.23
CA ASN A 252 -18.15 39.82 -19.07
C ASN A 252 -17.42 39.86 -20.41
N ASP A 253 -17.99 39.23 -21.44
CA ASP A 253 -17.29 39.03 -22.70
C ASP A 253 -15.92 38.39 -22.43
N LYS A 254 -14.80 39.09 -22.74
CA LYS A 254 -13.48 38.47 -22.66
C LYS A 254 -12.91 38.50 -21.25
N LYS A 255 -13.51 39.30 -20.35
CA LYS A 255 -12.94 39.56 -19.05
CA LYS A 255 -12.95 39.56 -19.04
C LYS A 255 -13.53 38.58 -18.03
N PHE A 256 -12.64 37.93 -17.29
CA PHE A 256 -12.97 36.98 -16.22
C PHE A 256 -12.42 37.56 -14.92
N VAL A 257 -13.26 37.55 -13.88
CA VAL A 257 -12.94 38.10 -12.59
C VAL A 257 -13.12 37.06 -11.49
N ILE A 258 -12.03 36.87 -10.73
CA ILE A 258 -12.03 36.06 -9.52
C ILE A 258 -12.01 37.02 -8.32
N LYS A 259 -13.12 37.04 -7.54
CA LYS A 259 -13.26 37.89 -6.35
C LYS A 259 -13.02 37.04 -5.12
N PRO A 260 -12.00 37.39 -4.31
CA PRO A 260 -11.68 36.61 -3.11
C PRO A 260 -12.60 36.88 -1.93
N ILE A 261 -12.67 35.91 -0.99
CA ILE A 261 -13.34 36.09 0.29
C ILE A 261 -12.59 37.13 1.12
N ASP A 262 -11.25 37.13 1.06
CA ASP A 262 -10.41 37.99 1.89
C ASP A 262 -10.50 39.41 1.34
N LYS A 263 -10.91 40.34 2.20
CA LYS A 263 -11.16 41.74 1.86
C LYS A 263 -9.84 42.48 1.55
N LYS A 264 -8.73 42.01 2.11
CA LYS A 264 -7.44 42.64 1.87
C LYS A 264 -6.88 42.30 0.47
N ALA A 265 -7.19 41.10 -0.06
CA ALA A 265 -6.69 40.63 -1.34
C ALA A 265 -7.41 41.30 -2.51
N PRO A 266 -6.70 41.67 -3.59
CA PRO A 266 -7.35 42.27 -4.77
C PRO A 266 -8.10 41.22 -5.61
N ASP A 267 -9.09 41.67 -6.42
CA ASP A 267 -9.66 40.83 -7.45
C ASP A 267 -8.57 40.34 -8.39
N PHE A 268 -8.65 39.10 -8.87
CA PHE A 268 -7.79 38.70 -9.97
C PHE A 268 -8.54 38.78 -11.30
N VAL A 269 -7.99 39.54 -12.27
CA VAL A 269 -8.63 39.69 -13.55
C VAL A 269 -7.77 39.02 -14.62
N PHE A 270 -8.41 38.29 -15.54
CA PHE A 270 -7.73 37.83 -16.74
C PHE A 270 -8.65 37.96 -17.95
N TYR A 271 -8.04 37.81 -19.13
CA TYR A 271 -8.75 37.94 -20.39
C TYR A 271 -8.55 36.68 -21.23
N ALA A 272 -9.65 36.15 -21.76
CA ALA A 272 -9.64 35.02 -22.65
C ALA A 272 -9.72 35.55 -24.08
N PRO A 273 -9.37 34.74 -25.08
CA PRO A 273 -9.46 35.17 -26.48
C PRO A 273 -10.88 35.46 -26.94
N ARG A 274 -11.89 34.78 -26.33
CA ARG A 274 -13.28 34.86 -26.76
C ARG A 274 -14.18 34.53 -25.58
N LEU A 275 -15.38 35.14 -25.55
CA LEU A 275 -16.44 34.78 -24.61
C LEU A 275 -16.64 33.27 -24.46
N ARG A 276 -16.68 32.50 -25.55
CA ARG A 276 -16.98 31.07 -25.50
C ARG A 276 -16.03 30.36 -24.53
N ILE A 277 -14.76 30.79 -24.50
CA ILE A 277 -13.75 30.23 -23.60
C ILE A 277 -14.12 30.50 -22.14
N ASN A 278 -14.53 31.74 -21.83
CA ASN A 278 -14.93 32.11 -20.47
C ASN A 278 -16.13 31.26 -20.04
N LYS A 279 -17.06 31.00 -20.97
CA LYS A 279 -18.22 30.20 -20.66
C LYS A 279 -17.81 28.76 -20.35
N ARG A 280 -16.84 28.23 -21.14
CA ARG A 280 -16.27 26.92 -20.90
C ARG A 280 -15.63 26.86 -19.53
N ILE A 281 -14.83 27.86 -19.18
CA ILE A 281 -14.18 27.83 -17.87
C ILE A 281 -15.23 27.82 -16.76
N LEU A 282 -16.17 28.74 -16.81
CA LEU A 282 -17.15 28.84 -15.76
C LEU A 282 -17.97 27.55 -15.62
N ALA A 283 -18.37 26.94 -16.74
CA ALA A 283 -19.14 25.70 -16.67
C ALA A 283 -18.33 24.60 -15.97
N LEU A 284 -17.03 24.51 -16.26
CA LEU A 284 -16.16 23.51 -15.69
C LEU A 284 -15.96 23.78 -14.21
N CYS A 285 -15.82 25.05 -13.83
CA CYS A 285 -15.73 25.43 -12.41
C CYS A 285 -17.01 25.08 -11.63
N MET A 286 -18.17 25.27 -12.24
CA MET A 286 -19.44 24.98 -11.57
C MET A 286 -19.61 23.49 -11.37
N GLY A 287 -19.25 22.69 -12.38
CA GLY A 287 -19.29 21.24 -12.27
C GLY A 287 -18.36 20.73 -11.14
N ASN A 288 -17.10 21.19 -11.16
CA ASN A 288 -16.13 20.84 -10.12
C ASN A 288 -16.61 21.25 -8.73
N HIS A 289 -17.09 22.47 -8.57
CA HIS A 289 -17.47 22.91 -7.25
C HIS A 289 -18.69 22.12 -6.76
N GLU A 290 -19.63 21.77 -7.64
CA GLU A 290 -20.77 20.95 -7.20
C GLU A 290 -20.29 19.59 -6.69
N LEU A 291 -19.38 18.92 -7.41
CA LEU A 291 -18.85 17.63 -6.99
C LEU A 291 -18.06 17.74 -5.69
N TYR A 292 -17.32 18.85 -5.52
CA TYR A 292 -16.60 19.16 -4.27
C TYR A 292 -17.57 19.20 -3.06
N MET A 293 -18.69 19.93 -3.22
CA MET A 293 -19.71 20.01 -2.19
C MET A 293 -20.37 18.66 -1.98
N ARG A 294 -20.66 17.91 -3.06
CA ARG A 294 -21.36 16.64 -2.93
C ARG A 294 -20.55 15.61 -2.11
N ARG A 295 -19.23 15.60 -2.27
CA ARG A 295 -18.43 14.60 -1.58
C ARG A 295 -18.29 14.94 -0.10
N ARG A 296 -18.66 16.15 0.33
CA ARG A 296 -18.72 16.56 1.73
C ARG A 296 -20.13 16.41 2.32
N LYS A 297 -21.12 16.04 1.54
CA LYS A 297 -22.44 15.70 2.06
C LYS A 297 -22.56 14.20 2.22
N PRO A 298 -23.56 13.71 2.99
CA PRO A 298 -23.75 12.28 3.16
C PRO A 298 -23.91 11.58 1.79
N ASP A 299 -23.46 10.34 1.73
CA ASP A 299 -23.64 9.41 0.64
C ASP A 299 -25.12 9.29 0.29
N THR A 300 -25.43 9.30 -1.02
CA THR A 300 -26.74 8.86 -1.46
C THR A 300 -26.97 7.40 -1.11
N ILE A 301 -28.24 6.97 -1.14
CA ILE A 301 -28.61 5.57 -0.92
C ILE A 301 -27.92 4.66 -1.95
N GLU A 302 -27.90 5.09 -3.21
CA GLU A 302 -27.22 4.40 -4.30
C GLU A 302 -25.74 4.20 -3.98
N VAL A 303 -25.04 5.28 -3.51
CA VAL A 303 -23.61 5.18 -3.22
C VAL A 303 -23.38 4.21 -2.06
N GLN A 304 -24.21 4.27 -1.03
CA GLN A 304 -24.13 3.32 0.08
C GLN A 304 -24.26 1.87 -0.40
N GLN A 305 -25.21 1.61 -1.32
CA GLN A 305 -25.46 0.31 -1.92
C GLN A 305 -24.21 -0.19 -2.64
N MET A 306 -23.64 0.67 -3.50
CA MET A 306 -22.45 0.31 -4.24
C MET A 306 -21.26 0.05 -3.29
N LYS A 307 -21.12 0.86 -2.23
CA LYS A 307 -20.04 0.60 -1.27
C LYS A 307 -20.21 -0.73 -0.53
N ALA A 308 -21.45 -1.07 -0.12
CA ALA A 308 -21.72 -2.35 0.58
C ALA A 308 -21.54 -3.50 -0.38
N GLN A 309 -21.94 -3.34 -1.66
CA GLN A 309 -21.72 -4.38 -2.65
C GLN A 309 -20.22 -4.60 -2.90
N ALA A 310 -19.43 -3.52 -2.94
CA ALA A 310 -18.00 -3.60 -3.12
C ALA A 310 -17.32 -4.34 -1.94
N ARG A 311 -17.69 -4.02 -0.69
CA ARG A 311 -17.13 -4.67 0.51
C ARG A 311 -17.46 -6.16 0.44
N GLU A 312 -18.70 -6.54 0.11
CA GLU A 312 -19.12 -7.93 0.10
CA GLU A 312 -19.13 -7.93 0.09
C GLU A 312 -18.40 -8.69 -1.01
N GLU A 313 -18.26 -8.12 -2.23
CA GLU A 313 -17.68 -8.83 -3.35
CA GLU A 313 -17.67 -8.84 -3.35
C GLU A 313 -16.18 -9.05 -3.09
N LYS A 314 -15.54 -8.07 -2.43
CA LYS A 314 -14.12 -8.14 -2.11
C LYS A 314 -13.92 -9.23 -1.05
N HIS A 315 -14.75 -9.22 0.00
CA HIS A 315 -14.71 -10.16 1.11
C HIS A 315 -14.82 -11.57 0.56
N GLN A 316 -15.73 -11.75 -0.40
CA GLN A 316 -16.01 -13.03 -0.99
C GLN A 316 -14.83 -13.52 -1.83
N LYS A 317 -14.24 -12.65 -2.65
CA LYS A 317 -13.13 -13.06 -3.49
C LYS A 317 -11.91 -13.44 -2.63
N GLN A 318 -11.65 -12.72 -1.53
CA GLN A 318 -10.58 -13.02 -0.58
C GLN A 318 -10.75 -14.43 0.02
N MET A 319 -11.96 -14.73 0.50
CA MET A 319 -12.30 -16.05 1.00
C MET A 319 -12.06 -17.12 -0.07
N GLU A 320 -12.49 -16.94 -1.33
CA GLU A 320 -12.38 -17.99 -2.34
C GLU A 320 -10.92 -18.21 -2.76
N ARG A 321 -10.16 -17.13 -2.74
CA ARG A 321 -8.75 -17.17 -3.04
C ARG A 321 -8.01 -17.97 -1.94
N ALA A 322 -8.31 -17.73 -0.67
CA ALA A 322 -7.66 -18.45 0.41
C ALA A 322 -7.98 -19.95 0.33
N MET A 323 -9.24 -20.26 -0.06
CA MET A 323 -9.72 -21.63 -0.25
CA MET A 323 -9.72 -21.63 -0.23
C MET A 323 -8.94 -22.34 -1.36
N LEU A 324 -8.77 -21.66 -2.50
CA LEU A 324 -8.04 -22.25 -3.61
C LEU A 324 -6.54 -22.46 -3.31
N GLU A 325 -5.92 -21.52 -2.60
CA GLU A 325 -4.53 -21.69 -2.21
C GLU A 325 -4.40 -22.93 -1.30
N ASN A 326 -5.37 -23.15 -0.41
CA ASN A 326 -5.28 -24.19 0.61
C ASN A 326 -5.54 -25.56 -0.06
N GLU A 327 -6.45 -25.59 -1.05
CA GLU A 327 -6.71 -26.77 -1.85
C GLU A 327 -5.49 -27.15 -2.68
N LYS A 328 -4.82 -26.17 -3.25
CA LYS A 328 -3.58 -26.42 -3.95
C LYS A 328 -2.53 -27.07 -3.01
N LYS A 329 -2.41 -26.60 -1.76
CA LYS A 329 -1.53 -27.24 -0.81
C LYS A 329 -1.94 -28.69 -0.52
N LYS A 330 -3.26 -28.96 -0.39
CA LYS A 330 -3.77 -30.31 -0.18
C LYS A 330 -3.39 -31.24 -1.33
N ARG A 331 -3.44 -30.70 -2.55
CA ARG A 331 -3.07 -31.44 -3.76
C ARG A 331 -1.58 -31.74 -3.77
N GLU A 332 -0.75 -30.69 -3.61
CA GLU A 332 0.70 -30.81 -3.63
C GLU A 332 1.20 -31.75 -2.51
N MET A 333 0.46 -31.82 -1.38
CA MET A 333 0.76 -32.76 -0.30
C MET A 333 0.41 -34.19 -0.72
N ALA A 334 -0.80 -34.43 -1.25
CA ALA A 334 -1.19 -35.72 -1.77
C ALA A 334 -0.33 -36.18 -2.96
N GLU A 335 0.30 -35.27 -3.74
CA GLU A 335 1.19 -35.65 -4.84
C GLU A 335 2.54 -36.16 -4.34
N LYS A 336 2.87 -35.84 -3.07
CA LYS A 336 4.19 -36.15 -2.54
C LYS A 336 4.11 -37.26 -1.48
N GLU A 337 2.95 -37.42 -0.83
CA GLU A 337 2.68 -38.59 0.00
C GLU A 337 2.06 -39.69 -0.85
N LYS A 338 1.88 -39.42 -2.14
CA LYS A 338 1.55 -40.43 -3.14
C LYS A 338 2.71 -41.39 -3.29
N GLU A 339 3.93 -40.83 -3.35
CA GLU A 339 5.12 -41.53 -3.81
C GLU A 339 5.60 -42.54 -2.78
N LYS A 340 4.98 -42.54 -1.58
CA LYS A 340 5.26 -43.51 -0.52
C LYS A 340 4.09 -44.50 -0.45
N MET B 2 18.64 -24.50 46.71
CA MET B 2 18.05 -24.37 48.07
C MET B 2 17.14 -23.14 48.28
N PRO B 3 16.89 -22.20 47.32
CA PRO B 3 15.83 -21.20 47.55
C PRO B 3 14.50 -21.89 47.82
N LYS B 4 13.64 -21.24 48.63
CA LYS B 4 12.31 -21.81 48.92
C LYS B 4 11.25 -21.40 47.91
N THR B 5 11.58 -20.47 47.00
CA THR B 5 10.65 -20.08 45.93
C THR B 5 11.42 -20.10 44.61
N ILE B 6 10.68 -20.29 43.49
CA ILE B 6 11.22 -20.07 42.16
C ILE B 6 10.37 -18.99 41.50
N SER B 7 10.60 -17.77 41.94
CA SER B 7 9.90 -16.62 41.40
C SER B 7 10.47 -16.35 40.01
N VAL B 8 9.55 -16.06 39.06
CA VAL B 8 9.91 -15.90 37.65
C VAL B 8 9.25 -14.64 37.12
N ARG B 9 10.03 -13.85 36.39
CA ARG B 9 9.52 -12.69 35.67
C ARG B 9 9.71 -12.95 34.17
N VAL B 10 8.64 -12.64 33.44
CA VAL B 10 8.65 -12.74 31.98
C VAL B 10 8.23 -11.38 31.44
N THR B 11 9.15 -10.73 30.72
CA THR B 11 8.93 -9.44 30.11
C THR B 11 8.69 -9.65 28.62
N THR B 12 7.51 -9.20 28.14
CA THR B 12 7.22 -9.10 26.72
C THR B 12 7.69 -7.76 26.22
N MET B 13 7.49 -7.48 24.93
CA MET B 13 7.75 -6.17 24.40
CA MET B 13 7.83 -6.15 24.47
C MET B 13 6.93 -5.07 25.10
N ASP B 14 5.81 -5.40 25.74
CA ASP B 14 5.06 -4.31 26.34
C ASP B 14 4.36 -4.70 27.64
N ALA B 15 4.76 -5.79 28.30
CA ALA B 15 4.19 -6.09 29.61
C ALA B 15 5.20 -6.87 30.46
N GLU B 16 4.98 -6.84 31.78
CA GLU B 16 5.81 -7.60 32.71
C GLU B 16 4.92 -8.57 33.47
N LEU B 17 5.23 -9.87 33.38
CA LEU B 17 4.42 -10.90 34.01
C LEU B 17 5.24 -11.54 35.14
N GLU B 18 4.56 -12.12 36.13
CA GLU B 18 5.24 -12.73 37.27
C GLU B 18 4.53 -14.03 37.58
N PHE B 19 5.36 -15.06 37.86
CA PHE B 19 4.92 -16.41 38.20
C PHE B 19 5.77 -16.91 39.36
N ALA B 20 5.30 -17.98 39.99
CA ALA B 20 6.09 -18.68 41.00
C ALA B 20 5.96 -20.19 40.73
N ILE B 21 7.04 -20.79 40.23
CA ILE B 21 6.93 -22.13 39.66
C ILE B 21 7.41 -23.19 40.67
N GLN B 22 7.22 -24.46 40.28
CA GLN B 22 7.60 -25.64 41.07
C GLN B 22 8.90 -26.24 40.53
N PRO B 23 9.64 -27.06 41.32
CA PRO B 23 10.89 -27.66 40.87
C PRO B 23 10.82 -28.39 39.51
N ASN B 24 9.68 -28.99 39.22
CA ASN B 24 9.44 -29.85 38.07
C ASN B 24 8.68 -29.12 36.93
N THR B 25 8.41 -27.83 37.08
CA THR B 25 7.73 -27.06 36.02
C THR B 25 8.59 -27.11 34.75
N THR B 26 7.96 -27.49 33.62
CA THR B 26 8.67 -27.51 32.33
C THR B 26 8.66 -26.13 31.66
N GLY B 27 9.61 -25.93 30.75
CA GLY B 27 9.56 -24.81 29.83
C GLY B 27 8.17 -24.64 29.21
N LYS B 28 7.59 -25.71 28.68
CA LYS B 28 6.32 -25.61 27.95
C LYS B 28 5.19 -25.14 28.88
N GLN B 29 5.22 -25.60 30.13
CA GLN B 29 4.20 -25.19 31.08
C GLN B 29 4.30 -23.68 31.35
N LEU B 30 5.51 -23.15 31.59
CA LEU B 30 5.70 -21.73 31.79
C LEU B 30 5.29 -20.97 30.52
N PHE B 31 5.79 -21.40 29.37
CA PHE B 31 5.42 -20.78 28.08
C PHE B 31 3.91 -20.70 27.93
N ASP B 32 3.21 -21.79 28.24
CA ASP B 32 1.77 -21.80 28.05
C ASP B 32 1.06 -20.82 28.98
N GLN B 33 1.52 -20.65 30.23
CA GLN B 33 0.99 -19.64 31.14
C GLN B 33 1.23 -18.22 30.59
N VAL B 34 2.41 -17.95 29.99
CA VAL B 34 2.67 -16.65 29.40
C VAL B 34 1.66 -16.38 28.27
N VAL B 35 1.52 -17.30 27.32
CA VAL B 35 0.72 -17.00 26.13
C VAL B 35 -0.76 -16.86 26.51
N LYS B 36 -1.18 -17.63 27.54
CA LYS B 36 -2.56 -17.55 27.99
C LYS B 36 -2.82 -16.19 28.67
N THR B 37 -1.84 -15.71 29.43
CA THR B 37 -2.04 -14.45 30.13
C THR B 37 -2.18 -13.30 29.13
N ILE B 38 -1.32 -13.30 28.08
CA ILE B 38 -1.32 -12.18 27.16
C ILE B 38 -2.32 -12.35 26.02
N GLY B 39 -2.91 -13.54 25.87
CA GLY B 39 -3.89 -13.75 24.80
C GLY B 39 -3.26 -13.96 23.43
N LEU B 40 -2.09 -14.63 23.39
CA LEU B 40 -1.40 -14.92 22.13
C LEU B 40 -1.78 -16.31 21.61
N ARG B 41 -2.15 -16.42 20.31
CA ARG B 41 -2.50 -17.69 19.70
C ARG B 41 -1.47 -18.18 18.69
N GLU B 42 -0.77 -17.26 17.99
CA GLU B 42 0.21 -17.61 16.99
C GLU B 42 1.53 -17.89 17.70
N VAL B 43 1.58 -18.96 18.49
CA VAL B 43 2.63 -19.15 19.50
C VAL B 43 3.90 -19.72 18.85
N TRP B 44 3.78 -20.34 17.69
CA TRP B 44 4.86 -21.07 17.04
C TRP B 44 6.10 -20.18 16.79
N PHE B 45 5.92 -18.87 16.59
CA PHE B 45 7.03 -17.96 16.33
C PHE B 45 7.86 -17.66 17.58
N PHE B 46 7.38 -18.01 18.80
CA PHE B 46 7.92 -17.36 19.99
C PHE B 46 8.72 -18.29 20.90
N GLY B 47 9.49 -17.66 21.79
CA GLY B 47 10.30 -18.37 22.75
C GLY B 47 10.57 -17.51 23.99
N LEU B 48 11.22 -18.16 24.98
CA LEU B 48 11.60 -17.50 26.20
C LEU B 48 13.12 -17.46 26.26
N GLN B 49 13.69 -16.26 26.26
CA GLN B 49 15.12 -16.11 26.23
C GLN B 49 15.59 -15.71 27.62
N TYR B 50 16.73 -16.25 28.03
CA TYR B 50 17.32 -15.94 29.32
C TYR B 50 18.85 -15.77 29.17
N GLN B 51 19.45 -15.31 30.24
CA GLN B 51 20.92 -15.26 30.39
C GLN B 51 21.36 -16.44 31.26
N ASP B 52 22.27 -17.24 30.74
CA ASP B 52 22.82 -18.31 31.55
C ASP B 52 23.82 -17.74 32.57
N THR B 53 24.39 -18.65 33.37
CA THR B 53 25.26 -18.26 34.47
C THR B 53 26.58 -17.68 33.95
N LYS B 54 26.95 -17.96 32.69
CA LYS B 54 28.13 -17.40 32.06
C LYS B 54 27.85 -16.18 31.18
N GLY B 55 26.63 -15.62 31.28
CA GLY B 55 26.28 -14.39 30.57
C GLY B 55 25.84 -14.58 29.11
N PHE B 56 25.55 -15.79 28.63
CA PHE B 56 25.15 -15.98 27.24
C PHE B 56 23.61 -16.08 27.13
N SER B 57 23.07 -15.30 26.17
CA SER B 57 21.66 -15.35 25.80
C SER B 57 21.35 -16.75 25.29
N THR B 58 20.29 -17.36 25.85
CA THR B 58 19.93 -18.72 25.54
C THR B 58 18.41 -18.80 25.42
N TRP B 59 17.89 -19.66 24.52
CA TRP B 59 16.47 -19.97 24.51
C TRP B 59 16.15 -21.09 25.51
N LEU B 60 15.09 -20.88 26.29
CA LEU B 60 14.56 -21.97 27.13
C LEU B 60 14.07 -23.12 26.25
N LYS B 61 14.53 -24.35 26.61
CA LYS B 61 13.99 -25.54 25.99
C LYS B 61 12.65 -25.86 26.65
N LEU B 62 11.62 -25.99 25.81
CA LEU B 62 10.27 -26.20 26.33
C LEU B 62 10.06 -27.63 26.83
N ASN B 63 10.93 -28.54 26.39
CA ASN B 63 10.83 -29.97 26.72
C ASN B 63 11.71 -30.35 27.91
N LYS B 64 12.18 -29.37 28.69
CA LYS B 64 12.98 -29.63 29.88
C LYS B 64 12.40 -28.79 31.00
N LYS B 65 12.69 -29.24 32.24
CA LYS B 65 12.38 -28.45 33.43
C LYS B 65 13.11 -27.11 33.40
N VAL B 66 12.45 -26.04 33.87
CA VAL B 66 13.05 -24.73 33.90
C VAL B 66 14.36 -24.73 34.71
N THR B 67 14.34 -25.41 35.88
CA THR B 67 15.44 -25.36 36.85
C THR B 67 16.61 -26.24 36.40
N ALA B 68 16.43 -27.06 35.37
CA ALA B 68 17.49 -27.95 34.90
C ALA B 68 18.29 -27.32 33.75
N GLN B 69 18.11 -26.02 33.52
CA GLN B 69 18.78 -25.33 32.43
C GLN B 69 19.62 -24.33 33.21
N ASP B 70 20.60 -23.70 32.61
CA ASP B 70 21.59 -23.03 33.45
C ASP B 70 21.18 -21.57 33.58
N VAL B 71 19.96 -21.31 34.07
CA VAL B 71 19.41 -19.97 34.19
C VAL B 71 20.11 -19.21 35.34
N ARG B 72 20.58 -18.00 35.07
CA ARG B 72 21.24 -17.17 36.07
C ARG B 72 20.36 -17.11 37.33
N LYS B 73 20.96 -17.48 38.48
CA LYS B 73 20.27 -17.69 39.74
C LYS B 73 19.98 -16.33 40.38
N GLU B 74 18.69 -15.97 40.48
CA GLU B 74 18.35 -14.67 41.02
C GLU B 74 16.86 -14.70 41.31
N SER B 75 16.39 -13.71 42.07
CA SER B 75 15.00 -13.67 42.45
CA SER B 75 15.01 -13.64 42.49
C SER B 75 14.39 -12.36 41.97
N PRO B 76 13.53 -12.40 40.91
CA PRO B 76 13.14 -13.61 40.19
C PRO B 76 14.12 -14.08 39.09
N LEU B 77 13.96 -15.31 38.56
CA LEU B 77 14.56 -15.65 37.26
C LEU B 77 14.02 -14.68 36.19
N LEU B 78 14.87 -14.24 35.26
CA LEU B 78 14.49 -13.24 34.25
C LEU B 78 14.43 -13.86 32.86
N PHE B 79 13.25 -13.81 32.25
CA PHE B 79 13.02 -14.26 30.87
C PHE B 79 12.47 -13.11 30.01
N LYS B 80 12.85 -13.12 28.73
CA LYS B 80 12.33 -12.20 27.74
C LYS B 80 11.50 -13.03 26.77
N PHE B 81 10.19 -12.76 26.71
CA PHE B 81 9.34 -13.34 25.68
C PHE B 81 9.54 -12.58 24.35
N ARG B 82 10.03 -13.31 23.35
CA ARG B 82 10.47 -12.75 22.09
C ARG B 82 10.11 -13.65 20.95
N ALA B 83 9.93 -13.07 19.76
CA ALA B 83 9.85 -13.84 18.51
C ALA B 83 11.22 -14.45 18.30
N LYS B 84 11.19 -15.77 18.04
CA LYS B 84 12.35 -16.56 17.77
C LYS B 84 12.49 -16.91 16.28
N PHE B 85 11.34 -17.11 15.65
CA PHE B 85 11.21 -17.48 14.24
C PHE B 85 10.43 -16.39 13.52
N TYR B 86 10.82 -16.14 12.27
CA TYR B 86 10.20 -15.09 11.49
C TYR B 86 9.47 -15.69 10.29
N PRO B 87 8.30 -15.14 9.95
CA PRO B 87 7.57 -15.59 8.76
C PRO B 87 8.33 -15.22 7.49
N GLU B 88 7.97 -15.87 6.39
CA GLU B 88 8.48 -15.48 5.07
C GLU B 88 7.77 -14.21 4.61
N ASP B 89 6.52 -13.97 5.03
CA ASP B 89 5.82 -12.75 4.65
C ASP B 89 4.83 -12.34 5.76
N VAL B 90 5.04 -11.16 6.36
CA VAL B 90 4.18 -10.73 7.44
C VAL B 90 2.70 -10.62 7.06
N SER B 91 2.36 -10.09 5.87
CA SER B 91 0.96 -9.90 5.51
C SER B 91 0.19 -11.22 5.48
N GLU B 92 0.84 -12.27 5.00
CA GLU B 92 0.20 -13.57 4.85
C GLU B 92 0.15 -14.27 6.20
N GLU B 93 1.17 -14.08 7.05
CA GLU B 93 1.40 -15.06 8.13
C GLU B 93 1.28 -14.51 9.54
N LEU B 94 1.33 -13.20 9.74
CA LEU B 94 0.96 -12.67 11.04
C LEU B 94 -0.52 -12.27 11.00
N ILE B 95 -1.39 -13.20 11.42
CA ILE B 95 -2.84 -13.06 11.21
C ILE B 95 -3.43 -12.01 12.15
N GLN B 96 -3.02 -12.05 13.42
CA GLN B 96 -3.65 -11.26 14.44
C GLN B 96 -2.86 -10.02 14.81
N ASP B 97 -3.61 -9.03 15.31
CA ASP B 97 -3.04 -7.75 15.63
C ASP B 97 -2.03 -7.88 16.76
N ILE B 98 -2.31 -8.71 17.77
CA ILE B 98 -1.34 -8.89 18.86
C ILE B 98 -0.01 -9.39 18.32
N THR B 99 -0.03 -10.40 17.40
CA THR B 99 1.18 -10.95 16.85
C THR B 99 1.98 -9.86 16.11
N GLN B 100 1.24 -9.07 15.32
CA GLN B 100 1.86 -8.01 14.55
C GLN B 100 2.53 -7.00 15.48
N ARG B 101 1.86 -6.64 16.57
CA ARG B 101 2.36 -5.66 17.51
CA ARG B 101 2.38 -5.65 17.51
C ARG B 101 3.66 -6.15 18.17
N LEU B 102 3.67 -7.42 18.60
CA LEU B 102 4.86 -7.91 19.27
C LEU B 102 6.03 -8.00 18.28
N PHE B 103 5.79 -8.38 17.05
CA PHE B 103 6.85 -8.40 16.04
C PHE B 103 7.34 -6.97 15.76
N PHE B 104 6.40 -6.05 15.55
CA PHE B 104 6.72 -4.64 15.29
C PHE B 104 7.59 -4.07 16.42
N LEU B 105 7.20 -4.29 17.69
CA LEU B 105 7.94 -3.66 18.78
C LEU B 105 9.33 -4.27 18.86
N GLN B 106 9.48 -5.59 18.59
CA GLN B 106 10.76 -6.24 18.68
C GLN B 106 11.69 -5.82 17.54
N VAL B 107 11.16 -5.88 16.31
CA VAL B 107 11.92 -5.46 15.13
C VAL B 107 12.34 -4.00 15.25
N LYS B 108 11.41 -3.15 15.70
CA LYS B 108 11.74 -1.74 15.95
C LYS B 108 12.88 -1.57 16.95
N GLU B 109 12.83 -2.30 18.07
CA GLU B 109 13.94 -2.26 19.04
C GLU B 109 15.29 -2.57 18.37
N GLY B 110 15.34 -3.63 17.53
CA GLY B 110 16.56 -4.03 16.85
C GLY B 110 17.04 -3.02 15.82
N ILE B 111 16.10 -2.31 15.15
CA ILE B 111 16.47 -1.22 14.25
C ILE B 111 17.05 -0.05 15.04
N LEU B 112 16.37 0.37 16.12
CA LEU B 112 16.81 1.52 16.89
C LEU B 112 18.16 1.29 17.57
N ASN B 113 18.44 0.04 18.00
CA ASN B 113 19.68 -0.20 18.73
CA ASN B 113 19.64 -0.28 18.74
C ASN B 113 20.80 -0.67 17.79
N ASP B 114 20.58 -0.59 16.46
CA ASP B 114 21.59 -0.91 15.45
C ASP B 114 21.85 -2.42 15.27
N ASP B 115 21.13 -3.32 15.95
CA ASP B 115 21.21 -4.75 15.69
C ASP B 115 20.95 -5.07 14.21
N ILE B 116 19.89 -4.44 13.69
CA ILE B 116 19.41 -4.68 12.34
C ILE B 116 19.75 -3.47 11.48
N TYR B 117 20.74 -3.62 10.58
CA TYR B 117 21.15 -2.47 9.77
C TYR B 117 19.95 -1.94 9.00
N CYS B 118 19.85 -0.61 8.90
CA CYS B 118 18.83 0.06 8.13
C CYS B 118 19.47 1.31 7.49
N PRO B 119 19.33 1.53 6.17
CA PRO B 119 19.86 2.76 5.55
C PRO B 119 19.07 3.98 6.04
N PRO B 120 19.69 5.18 6.08
CA PRO B 120 19.06 6.37 6.66
C PRO B 120 17.66 6.71 6.12
N GLU B 121 17.50 6.69 4.79
CA GLU B 121 16.22 7.04 4.18
C GLU B 121 15.12 6.06 4.63
N THR B 122 15.46 4.77 4.72
CA THR B 122 14.51 3.75 5.14
C THR B 122 14.19 3.96 6.63
N ALA B 123 15.22 4.33 7.42
CA ALA B 123 15.05 4.64 8.83
C ALA B 123 14.00 5.74 9.09
N VAL B 124 14.06 6.80 8.28
CA VAL B 124 13.11 7.90 8.33
C VAL B 124 11.69 7.43 7.98
N LEU B 125 11.56 6.67 6.88
CA LEU B 125 10.26 6.12 6.47
C LEU B 125 9.67 5.22 7.55
N LEU B 126 10.50 4.33 8.09
CA LEU B 126 10.04 3.46 9.19
C LEU B 126 9.56 4.32 10.37
N ALA B 127 10.35 5.33 10.75
CA ALA B 127 9.95 6.21 11.87
C ALA B 127 8.57 6.84 11.65
N SER B 128 8.29 7.23 10.40
CA SER B 128 7.01 7.84 10.05
C SER B 128 5.83 6.88 10.28
N TYR B 129 6.01 5.58 10.02
CA TYR B 129 4.96 4.60 10.30
C TYR B 129 4.80 4.36 11.79
N ALA B 130 5.92 4.29 12.52
CA ALA B 130 5.85 4.22 13.97
C ALA B 130 5.08 5.44 14.51
N VAL B 131 5.37 6.63 13.98
CA VAL B 131 4.68 7.83 14.43
C VAL B 131 3.19 7.75 14.10
N GLN B 132 2.77 7.39 12.87
CA GLN B 132 1.34 7.27 12.55
C GLN B 132 0.63 6.28 13.49
N SER B 133 1.30 5.17 13.84
CA SER B 133 0.78 4.22 14.81
C SER B 133 0.58 4.84 16.19
N LYS B 134 1.59 5.57 16.67
CA LYS B 134 1.50 6.09 18.03
C LYS B 134 0.61 7.35 18.14
N TYR B 135 0.63 8.21 17.12
CA TYR B 135 0.02 9.53 17.21
C TYR B 135 -1.29 9.61 16.44
N GLY B 136 -1.46 8.71 15.48
CA GLY B 136 -2.50 8.83 14.47
C GLY B 136 -2.20 9.96 13.50
N ASP B 137 -3.25 10.47 12.84
CA ASP B 137 -3.07 11.43 11.75
C ASP B 137 -2.33 12.65 12.29
N PHE B 138 -1.36 13.15 11.52
CA PHE B 138 -0.79 14.45 11.78
C PHE B 138 -1.92 15.50 11.77
N ASN B 139 -1.87 16.42 12.74
CA ASN B 139 -2.88 17.45 12.94
C ASN B 139 -2.14 18.73 13.34
N LYS B 140 -2.07 19.69 12.41
CA LYS B 140 -1.21 20.86 12.54
C LYS B 140 -1.61 21.73 13.72
N GLU B 141 -2.86 21.60 14.19
CA GLU B 141 -3.35 22.33 15.35
C GLU B 141 -2.70 21.79 16.63
N VAL B 142 -2.31 20.49 16.62
CA VAL B 142 -1.89 19.78 17.81
C VAL B 142 -0.40 19.44 17.72
N HIS B 143 0.02 18.95 16.56
CA HIS B 143 1.41 18.54 16.37
C HIS B 143 2.22 19.74 15.88
N LYS B 144 2.83 20.45 16.82
CA LYS B 144 3.67 21.60 16.53
C LYS B 144 5.13 21.16 16.58
N SER B 145 6.03 22.10 16.21
CA SER B 145 7.45 21.88 16.26
C SER B 145 7.80 21.22 17.61
N GLY B 146 8.51 20.08 17.55
CA GLY B 146 8.91 19.37 18.76
C GLY B 146 7.90 18.33 19.23
N TYR B 147 6.84 18.07 18.44
CA TYR B 147 5.88 17.02 18.81
C TYR B 147 6.53 15.63 18.92
N LEU B 148 7.70 15.42 18.29
CA LEU B 148 8.39 14.12 18.33
C LEU B 148 9.60 14.13 19.26
N ALA B 149 9.84 15.26 19.94
CA ALA B 149 11.08 15.50 20.72
C ALA B 149 11.26 14.49 21.84
N GLY B 150 10.15 13.94 22.34
CA GLY B 150 10.23 12.97 23.42
C GLY B 150 10.44 11.53 22.93
N ASP B 151 10.70 11.29 21.61
CA ASP B 151 10.55 9.95 21.03
C ASP B 151 11.89 9.42 20.48
N LYS B 152 12.19 8.16 20.74
CA LYS B 152 13.35 7.54 20.11
C LYS B 152 12.89 6.92 18.79
N LEU B 153 13.30 7.56 17.68
CA LEU B 153 12.69 7.32 16.39
C LEU B 153 13.69 6.74 15.37
N LEU B 154 15.00 7.05 15.51
CA LEU B 154 16.00 6.67 14.53
C LEU B 154 17.12 5.85 15.18
N PRO B 155 17.75 4.93 14.41
CA PRO B 155 18.87 4.16 14.88
C PRO B 155 19.95 5.09 15.43
N GLN B 156 20.62 4.63 16.50
CA GLN B 156 21.70 5.42 17.08
C GLN B 156 22.78 5.69 16.03
N ARG B 157 23.12 4.68 15.21
CA ARG B 157 24.14 4.84 14.18
C ARG B 157 23.79 5.97 13.20
N VAL B 158 22.50 6.08 12.83
CA VAL B 158 22.05 7.12 11.92
C VAL B 158 22.18 8.50 12.58
N LEU B 159 21.79 8.64 13.83
CA LEU B 159 21.93 9.92 14.54
C LEU B 159 23.43 10.30 14.62
N GLU B 160 24.27 9.35 15.05
CA GLU B 160 25.69 9.60 15.26
C GLU B 160 26.41 9.95 13.96
N GLN B 161 26.05 9.27 12.88
CA GLN B 161 26.82 9.38 11.65
C GLN B 161 26.40 10.59 10.81
N HIS B 162 25.30 11.27 11.14
CA HIS B 162 24.89 12.47 10.40
C HIS B 162 25.08 13.71 11.29
N LYS B 163 24.95 14.90 10.70
CA LYS B 163 25.15 16.17 11.40
C LYS B 163 23.82 16.85 11.69
N LEU B 164 22.71 16.22 11.32
CA LEU B 164 21.41 16.83 11.55
C LEU B 164 21.13 16.84 13.05
N ASN B 165 20.42 17.89 13.50
CA ASN B 165 19.93 17.93 14.87
C ASN B 165 18.54 17.30 14.94
N LYS B 166 18.02 17.16 16.17
CA LYS B 166 16.72 16.54 16.41
C LYS B 166 15.62 17.21 15.60
N ASP B 167 15.68 18.54 15.47
CA ASP B 167 14.60 19.26 14.82
C ASP B 167 14.57 18.96 13.33
N GLN B 168 15.76 18.89 12.72
CA GLN B 168 15.89 18.56 11.31
C GLN B 168 15.39 17.13 11.03
N TRP B 169 15.73 16.18 11.91
CA TRP B 169 15.24 14.81 11.73
C TRP B 169 13.71 14.77 11.88
N GLU B 170 13.17 15.54 12.82
CA GLU B 170 11.72 15.59 13.05
C GLU B 170 11.01 16.12 11.81
N GLU B 171 11.58 17.11 11.14
CA GLU B 171 10.92 17.69 9.97
C GLU B 171 10.85 16.64 8.85
N ARG B 172 11.95 15.89 8.67
CA ARG B 172 11.96 14.87 7.65
C ARG B 172 10.94 13.75 7.93
N ILE B 173 10.79 13.34 9.19
CA ILE B 173 9.85 12.31 9.57
C ILE B 173 8.42 12.82 9.39
N GLN B 174 8.19 14.11 9.75
CA GLN B 174 6.89 14.78 9.63
C GLN B 174 6.36 14.79 8.21
N VAL B 175 7.24 15.02 7.21
CA VAL B 175 6.83 15.06 5.80
C VAL B 175 6.10 13.74 5.49
N TRP B 176 6.75 12.62 5.86
CA TRP B 176 6.16 11.30 5.66
C TRP B 176 4.93 11.06 6.52
N HIS B 177 4.99 11.46 7.78
CA HIS B 177 3.84 11.33 8.68
C HIS B 177 2.59 11.93 8.01
N GLU B 178 2.74 13.16 7.47
CA GLU B 178 1.62 13.84 6.82
C GLU B 178 1.09 13.04 5.64
N GLU B 179 1.99 12.39 4.87
CA GLU B 179 1.55 11.55 3.76
C GLU B 179 0.69 10.37 4.21
N HIS B 180 0.75 9.94 5.50
CA HIS B 180 0.03 8.76 5.96
C HIS B 180 -1.38 9.09 6.45
N ARG B 181 -1.87 10.33 6.26
CA ARG B 181 -3.14 10.74 6.85
C ARG B 181 -4.22 9.77 6.35
N GLY B 182 -5.08 9.31 7.26
CA GLY B 182 -6.13 8.35 6.93
C GLY B 182 -5.75 6.89 7.22
N MET B 183 -4.46 6.65 7.50
CA MET B 183 -4.00 5.28 7.70
C MET B 183 -4.31 4.82 9.11
N LEU B 184 -4.98 3.68 9.23
CA LEU B 184 -5.27 3.10 10.54
C LEU B 184 -3.97 2.76 11.27
N ARG B 185 -3.93 2.93 12.56
CA ARG B 185 -2.73 2.63 13.34
C ARG B 185 -2.21 1.20 13.08
N GLU B 186 -3.13 0.22 12.98
CA GLU B 186 -2.78 -1.17 12.80
C GLU B 186 -2.18 -1.40 11.44
N ASP B 187 -2.62 -0.62 10.43
CA ASP B 187 -2.07 -0.76 9.08
C ASP B 187 -0.69 -0.10 9.01
N ALA B 188 -0.44 0.99 9.77
CA ALA B 188 0.90 1.58 9.86
C ALA B 188 1.89 0.57 10.45
N VAL B 189 1.48 -0.18 11.47
CA VAL B 189 2.31 -1.24 12.05
C VAL B 189 2.70 -2.29 10.99
N LEU B 190 1.70 -2.73 10.20
CA LEU B 190 1.96 -3.69 9.14
C LEU B 190 2.85 -3.08 8.06
N GLU B 191 2.61 -1.81 7.63
CA GLU B 191 3.50 -1.17 6.64
C GLU B 191 4.95 -1.11 7.18
N TYR B 192 5.10 -0.80 8.48
CA TYR B 192 6.42 -0.83 9.11
C TYR B 192 7.07 -2.19 8.85
N LEU B 193 6.37 -3.26 9.23
CA LEU B 193 6.91 -4.62 9.10
C LEU B 193 7.16 -5.01 7.64
N LYS B 194 6.33 -4.57 6.68
CA LYS B 194 6.55 -4.91 5.27
C LYS B 194 7.85 -4.30 4.75
N ILE B 195 8.18 -3.10 5.22
CA ILE B 195 9.50 -2.51 4.93
C ILE B 195 10.62 -3.28 5.65
N ALA B 196 10.47 -3.50 6.96
CA ALA B 196 11.53 -4.07 7.76
C ALA B 196 11.88 -5.48 7.26
N GLN B 197 10.89 -6.27 6.83
CA GLN B 197 11.12 -7.67 6.50
C GLN B 197 12.00 -7.81 5.26
N ASP B 198 12.21 -6.70 4.50
CA ASP B 198 13.07 -6.74 3.32
C ASP B 198 14.49 -6.27 3.63
N LEU B 199 14.77 -5.86 4.87
CA LEU B 199 16.13 -5.54 5.26
C LEU B 199 17.00 -6.79 5.23
N GLU B 200 18.27 -6.65 4.82
CA GLU B 200 19.17 -7.79 4.63
C GLU B 200 19.43 -8.55 5.94
N MET B 201 19.44 -7.87 7.10
CA MET B 201 19.71 -8.53 8.37
C MET B 201 18.44 -8.93 9.13
N TYR B 202 17.28 -8.63 8.56
CA TYR B 202 16.02 -8.94 9.23
C TYR B 202 15.89 -10.47 9.35
N GLY B 203 15.57 -10.93 10.56
CA GLY B 203 15.28 -12.34 10.76
C GLY B 203 16.47 -13.28 10.69
N VAL B 204 17.70 -12.75 10.77
CA VAL B 204 18.92 -13.57 10.65
C VAL B 204 19.61 -13.67 12.00
N ASN B 205 19.90 -14.92 12.37
CA ASN B 205 20.75 -15.22 13.51
CA ASN B 205 20.71 -15.30 13.51
C ASN B 205 22.15 -15.51 13.01
N TYR B 206 23.13 -14.73 13.50
CA TYR B 206 24.51 -14.84 13.05
C TYR B 206 25.31 -15.59 14.10
N PHE B 207 26.21 -16.49 13.64
CA PHE B 207 27.10 -17.19 14.56
C PHE B 207 28.55 -17.06 14.08
N SER B 208 29.47 -16.76 15.04
CA SER B 208 30.89 -16.68 14.72
C SER B 208 31.50 -18.07 14.48
N ILE B 209 32.09 -18.26 13.28
CA ILE B 209 32.68 -19.53 12.86
C ILE B 209 34.01 -19.28 12.14
N LYS B 210 34.74 -20.37 11.82
CA LYS B 210 35.93 -20.31 10.96
C LYS B 210 35.86 -21.38 9.87
N ASN B 211 36.52 -21.13 8.74
CA ASN B 211 36.67 -22.16 7.72
C ASN B 211 37.88 -23.03 8.06
N LYS B 212 38.19 -23.96 7.13
CA LYS B 212 39.32 -24.87 7.24
C LYS B 212 40.64 -24.11 7.45
N LYS B 213 40.85 -23.02 6.71
CA LYS B 213 42.07 -22.22 6.86
C LYS B 213 42.20 -21.55 8.23
N GLY B 214 41.13 -21.47 9.02
CA GLY B 214 41.12 -20.64 10.22
C GLY B 214 40.63 -19.19 9.99
N SER B 215 40.09 -18.88 8.79
CA SER B 215 39.53 -17.57 8.51
C SER B 215 38.20 -17.35 9.27
N GLU B 216 38.05 -16.18 9.91
CA GLU B 216 36.82 -15.78 10.61
C GLU B 216 35.69 -15.45 9.63
N LEU B 217 34.50 -16.04 9.88
CA LEU B 217 33.30 -15.84 9.05
C LEU B 217 32.07 -15.77 9.98
N TRP B 218 30.91 -15.51 9.38
CA TRP B 218 29.62 -15.62 10.05
C TRP B 218 28.77 -16.63 9.30
N LEU B 219 28.07 -17.46 10.07
CA LEU B 219 27.01 -18.27 9.54
C LEU B 219 25.71 -17.54 9.87
N GLY B 220 24.84 -17.38 8.90
CA GLY B 220 23.49 -16.94 9.21
C GLY B 220 22.54 -18.12 9.07
N VAL B 221 21.56 -18.14 9.95
CA VAL B 221 20.41 -19.04 9.85
C VAL B 221 19.14 -18.21 9.77
N ASP B 222 18.27 -18.50 8.79
CA ASP B 222 17.01 -17.77 8.69
C ASP B 222 15.92 -18.68 8.16
N ALA B 223 14.73 -18.11 7.89
CA ALA B 223 13.57 -18.90 7.49
C ALA B 223 13.84 -19.76 6.24
N LEU B 224 14.80 -19.32 5.38
CA LEU B 224 14.99 -19.89 4.04
C LEU B 224 16.22 -20.77 3.96
N GLY B 225 17.05 -20.78 5.00
CA GLY B 225 18.21 -21.66 4.97
C GLY B 225 19.37 -21.11 5.76
N LEU B 226 20.58 -21.43 5.28
CA LEU B 226 21.83 -21.00 5.87
C LEU B 226 22.58 -20.11 4.87
N ASN B 227 23.45 -19.25 5.38
CA ASN B 227 24.30 -18.37 4.53
C ASN B 227 25.65 -18.21 5.21
N ILE B 228 26.72 -18.13 4.40
CA ILE B 228 28.04 -17.80 4.87
C ILE B 228 28.35 -16.36 4.44
N TYR B 229 28.85 -15.57 5.39
CA TYR B 229 29.21 -14.18 5.19
C TYR B 229 30.67 -13.99 5.59
N GLU B 230 31.34 -13.09 4.87
CA GLU B 230 32.65 -12.59 5.27
C GLU B 230 32.50 -11.92 6.63
N GLN B 231 33.60 -11.92 7.38
CA GLN B 231 33.65 -11.29 8.69
C GLN B 231 33.05 -9.88 8.64
N ASN B 232 33.30 -9.17 7.53
CA ASN B 232 33.09 -7.72 7.48
CA ASN B 232 33.16 -7.72 7.33
C ASN B 232 31.78 -7.34 6.77
N ASP B 233 31.04 -8.30 6.21
CA ASP B 233 29.83 -7.98 5.47
C ASP B 233 28.70 -8.99 5.81
N ARG B 234 27.78 -8.56 6.69
CA ARG B 234 26.66 -9.40 7.13
C ARG B 234 25.41 -9.08 6.33
N LEU B 235 25.55 -8.27 5.28
CA LEU B 235 24.43 -7.93 4.41
C LEU B 235 24.24 -8.89 3.23
N THR B 236 25.34 -9.16 2.50
CA THR B 236 25.28 -10.02 1.32
C THR B 236 26.03 -11.34 1.58
N PRO B 237 25.32 -12.48 1.51
CA PRO B 237 25.98 -13.78 1.65
C PRO B 237 27.12 -13.95 0.63
N LYS B 238 28.20 -14.53 1.11
CA LYS B 238 29.25 -15.06 0.25
C LYS B 238 28.80 -16.37 -0.41
N ILE B 239 28.18 -17.31 0.35
CA ILE B 239 27.57 -18.50 -0.22
C ILE B 239 26.19 -18.68 0.41
N GLY B 240 25.20 -19.07 -0.37
CA GLY B 240 23.85 -19.34 0.09
C GLY B 240 23.61 -20.83 0.13
N PHE B 241 22.97 -21.31 1.20
CA PHE B 241 22.52 -22.67 1.28
C PHE B 241 21.02 -22.70 1.61
N PRO B 242 20.14 -22.43 0.64
CA PRO B 242 18.72 -22.66 0.86
C PRO B 242 18.38 -24.12 1.09
N TRP B 243 17.22 -24.40 1.70
CA TRP B 243 16.85 -25.74 2.06
C TRP B 243 16.93 -26.67 0.86
N SER B 244 16.46 -26.19 -0.30
CA SER B 244 16.32 -27.03 -1.47
C SER B 244 17.70 -27.48 -1.97
N GLU B 245 18.79 -26.84 -1.53
CA GLU B 245 20.12 -27.24 -1.95
C GLU B 245 20.84 -28.07 -0.89
N ILE B 246 20.23 -28.24 0.30
CA ILE B 246 20.87 -28.99 1.38
C ILE B 246 20.36 -30.44 1.35
N ARG B 247 21.30 -31.42 1.33
CA ARG B 247 20.95 -32.83 1.50
C ARG B 247 21.04 -33.21 2.99
N ASN B 248 22.08 -32.74 3.70
CA ASN B 248 22.23 -33.06 5.12
C ASN B 248 23.10 -32.01 5.80
N ILE B 249 22.69 -31.59 7.02
CA ILE B 249 23.59 -30.86 7.90
C ILE B 249 23.86 -31.74 9.14
N SER B 250 25.07 -31.64 9.65
CA SER B 250 25.52 -32.49 10.75
C SER B 250 26.67 -31.80 11.46
N PHE B 251 27.04 -32.30 12.65
CA PHE B 251 28.24 -31.81 13.30
C PHE B 251 28.90 -32.98 14.00
N ASN B 252 30.17 -32.77 14.34
CA ASN B 252 30.95 -33.70 15.14
C ASN B 252 31.90 -32.90 15.99
N ASP B 253 31.56 -32.75 17.26
CA ASP B 253 32.23 -31.83 18.14
C ASP B 253 32.21 -30.44 17.48
N LYS B 254 33.38 -29.86 17.19
CA LYS B 254 33.46 -28.50 16.70
C LYS B 254 33.26 -28.40 15.20
N LYS B 255 33.27 -29.53 14.45
CA LYS B 255 33.16 -29.50 13.01
C LYS B 255 31.70 -29.60 12.58
N PHE B 256 31.28 -28.69 11.71
CA PHE B 256 29.95 -28.64 11.13
C PHE B 256 30.07 -28.85 9.63
N VAL B 257 29.17 -29.68 9.07
CA VAL B 257 29.25 -30.05 7.68
C VAL B 257 27.90 -29.83 7.03
N ILE B 258 27.94 -29.07 5.92
CA ILE B 258 26.78 -28.91 5.06
C ILE B 258 27.04 -29.71 3.77
N LYS B 259 26.23 -30.76 3.55
CA LYS B 259 26.28 -31.59 2.36
C LYS B 259 25.22 -31.18 1.36
N PRO B 260 25.65 -30.78 0.14
CA PRO B 260 24.70 -30.35 -0.89
C PRO B 260 23.99 -31.49 -1.58
N ILE B 261 22.83 -31.16 -2.17
CA ILE B 261 22.11 -32.10 -3.01
C ILE B 261 22.89 -32.30 -4.32
N ASP B 262 23.55 -31.24 -4.75
CA ASP B 262 24.28 -31.24 -6.00
C ASP B 262 25.54 -32.09 -5.83
N LYS B 263 25.65 -33.13 -6.68
CA LYS B 263 26.74 -34.10 -6.62
C LYS B 263 28.06 -33.49 -7.10
N LYS B 264 27.99 -32.44 -7.93
CA LYS B 264 29.20 -31.78 -8.39
C LYS B 264 29.84 -30.86 -7.33
N ALA B 265 29.00 -30.27 -6.47
CA ALA B 265 29.45 -29.32 -5.45
C ALA B 265 30.13 -30.04 -4.27
N PRO B 266 31.21 -29.44 -3.69
CA PRO B 266 31.84 -29.99 -2.50
C PRO B 266 31.01 -29.73 -1.24
N ASP B 267 31.20 -30.55 -0.21
CA ASP B 267 30.70 -30.28 1.13
C ASP B 267 31.24 -28.95 1.63
N PHE B 268 30.43 -28.18 2.36
CA PHE B 268 30.98 -27.01 3.05
C PHE B 268 31.23 -27.34 4.52
N VAL B 269 32.48 -27.12 4.97
CA VAL B 269 32.87 -27.41 6.34
C VAL B 269 33.20 -26.10 7.05
N PHE B 270 32.73 -25.98 8.30
CA PHE B 270 33.22 -24.92 9.18
C PHE B 270 33.43 -25.49 10.57
N TYR B 271 34.08 -24.70 11.41
CA TYR B 271 34.41 -25.03 12.77
C TYR B 271 33.80 -23.99 13.73
N ALA B 272 33.17 -24.47 14.80
CA ALA B 272 32.60 -23.55 15.79
C ALA B 272 33.55 -23.54 16.97
N PRO B 273 33.47 -22.54 17.88
CA PRO B 273 34.38 -22.49 19.03
C PRO B 273 34.21 -23.66 19.99
N ARG B 274 32.98 -24.21 20.06
CA ARG B 274 32.60 -25.25 21.02
C ARG B 274 31.42 -26.06 20.45
N LEU B 275 31.27 -27.29 20.93
CA LEU B 275 30.19 -28.17 20.50
C LEU B 275 28.82 -27.53 20.79
N ARG B 276 28.65 -26.88 21.95
CA ARG B 276 27.38 -26.26 22.35
C ARG B 276 26.86 -25.35 21.22
N ILE B 277 27.77 -24.61 20.57
CA ILE B 277 27.41 -23.69 19.52
C ILE B 277 26.84 -24.46 18.31
N ASN B 278 27.48 -25.57 17.91
CA ASN B 278 27.03 -26.36 16.78
C ASN B 278 25.63 -26.89 17.08
N LYS B 279 25.38 -27.28 18.33
CA LYS B 279 24.08 -27.78 18.71
C LYS B 279 23.02 -26.68 18.58
N ARG B 280 23.37 -25.46 19.03
CA ARG B 280 22.51 -24.29 18.91
C ARG B 280 22.15 -24.07 17.44
N ILE B 281 23.16 -24.08 16.57
CA ILE B 281 22.94 -23.85 15.17
C ILE B 281 21.96 -24.88 14.63
N LEU B 282 22.25 -26.17 14.90
CA LEU B 282 21.45 -27.21 14.29
C LEU B 282 20.01 -27.16 14.80
N ALA B 283 19.78 -26.94 16.10
CA ALA B 283 18.41 -26.83 16.60
C ALA B 283 17.66 -25.67 15.89
N LEU B 284 18.34 -24.54 15.65
CA LEU B 284 17.70 -23.40 15.00
C LEU B 284 17.41 -23.69 13.52
N CYS B 285 18.30 -24.42 12.84
CA CYS B 285 18.03 -24.89 11.48
C CYS B 285 16.81 -25.83 11.43
N MET B 286 16.73 -26.76 12.39
CA MET B 286 15.63 -27.72 12.41
C MET B 286 14.28 -27.05 12.64
N GLY B 287 14.24 -26.04 13.55
CA GLY B 287 13.01 -25.30 13.79
C GLY B 287 12.61 -24.50 12.54
N ASN B 288 13.59 -23.82 11.92
CA ASN B 288 13.31 -23.04 10.70
C ASN B 288 12.80 -23.93 9.56
N HIS B 289 13.48 -25.08 9.35
CA HIS B 289 13.07 -25.95 8.24
C HIS B 289 11.70 -26.53 8.51
N GLU B 290 11.38 -26.92 9.76
CA GLU B 290 10.00 -27.35 10.06
C GLU B 290 8.95 -26.31 9.66
N LEU B 291 9.15 -25.04 10.06
CA LEU B 291 8.18 -23.99 9.81
C LEU B 291 8.07 -23.71 8.31
N TYR B 292 9.19 -23.79 7.60
CA TYR B 292 9.26 -23.70 6.14
C TYR B 292 8.32 -24.72 5.49
N MET B 293 8.42 -25.99 5.90
CA MET B 293 7.57 -27.05 5.38
C MET B 293 6.13 -26.85 5.79
N ARG B 294 5.90 -26.42 7.04
CA ARG B 294 4.54 -26.25 7.51
CA ARG B 294 4.55 -26.25 7.53
C ARG B 294 3.77 -25.20 6.71
N ARG B 295 4.45 -24.12 6.29
CA ARG B 295 3.71 -23.05 5.64
C ARG B 295 3.38 -23.42 4.19
N ARG B 296 3.97 -24.52 3.67
CA ARG B 296 3.63 -25.12 2.38
C ARG B 296 2.60 -26.25 2.51
N LYS B 297 2.17 -26.58 3.71
CA LYS B 297 1.09 -27.52 3.93
C LYS B 297 -0.22 -26.76 4.15
N PRO B 298 -1.37 -27.44 4.01
CA PRO B 298 -2.65 -26.80 4.26
C PRO B 298 -2.70 -26.22 5.68
N ASP B 299 -3.47 -25.12 5.81
CA ASP B 299 -3.70 -24.43 7.09
C ASP B 299 -4.28 -25.41 8.11
N THR B 300 -3.72 -25.39 9.33
CA THR B 300 -4.34 -26.03 10.48
C THR B 300 -5.70 -25.41 10.76
N ILE B 301 -6.50 -26.09 11.58
CA ILE B 301 -7.82 -25.62 12.02
CA ILE B 301 -7.83 -25.54 11.86
C ILE B 301 -7.67 -24.28 12.74
N GLU B 302 -6.65 -24.20 13.61
CA GLU B 302 -6.33 -22.99 14.37
C GLU B 302 -6.15 -21.81 13.40
N VAL B 303 -5.32 -21.98 12.36
CA VAL B 303 -4.99 -20.91 11.43
C VAL B 303 -6.26 -20.51 10.64
N GLN B 304 -7.05 -21.50 10.23
CA GLN B 304 -8.29 -21.25 9.51
C GLN B 304 -9.28 -20.41 10.34
N GLN B 305 -9.40 -20.75 11.63
CA GLN B 305 -10.30 -20.05 12.55
C GLN B 305 -9.85 -18.60 12.75
N MET B 306 -8.54 -18.42 12.92
CA MET B 306 -7.98 -17.08 13.13
C MET B 306 -8.14 -16.25 11.86
N LYS B 307 -7.93 -16.86 10.70
CA LYS B 307 -8.11 -16.17 9.43
C LYS B 307 -9.55 -15.73 9.24
N ALA B 308 -10.54 -16.59 9.55
CA ALA B 308 -11.96 -16.24 9.43
C ALA B 308 -12.32 -15.13 10.42
N GLN B 309 -11.82 -15.21 11.67
CA GLN B 309 -12.03 -14.13 12.64
C GLN B 309 -11.42 -12.80 12.15
N ALA B 310 -10.22 -12.84 11.59
CA ALA B 310 -9.57 -11.62 11.11
C ALA B 310 -10.36 -11.01 9.94
N ARG B 311 -10.83 -11.84 8.99
CA ARG B 311 -11.61 -11.36 7.85
C ARG B 311 -12.88 -10.67 8.35
N GLU B 312 -13.58 -11.29 9.32
CA GLU B 312 -14.82 -10.72 9.83
C GLU B 312 -14.56 -9.42 10.62
N GLU B 313 -13.49 -9.36 11.45
CA GLU B 313 -13.21 -8.17 12.24
CA GLU B 313 -13.14 -8.17 12.24
C GLU B 313 -12.89 -6.99 11.32
N LYS B 314 -12.17 -7.26 10.22
CA LYS B 314 -11.75 -6.23 9.28
C LYS B 314 -12.99 -5.69 8.57
N HIS B 315 -13.84 -6.62 8.06
CA HIS B 315 -15.10 -6.26 7.41
C HIS B 315 -15.93 -5.33 8.29
N GLN B 316 -16.03 -5.69 9.58
CA GLN B 316 -16.85 -4.97 10.52
C GLN B 316 -16.29 -3.58 10.82
N LYS B 317 -14.98 -3.47 11.06
CA LYS B 317 -14.38 -2.17 11.32
C LYS B 317 -14.57 -1.21 10.14
N GLN B 318 -14.43 -1.71 8.89
CA GLN B 318 -14.61 -0.92 7.66
C GLN B 318 -16.03 -0.36 7.57
N MET B 319 -17.02 -1.22 7.83
CA MET B 319 -18.41 -0.83 7.83
C MET B 319 -18.67 0.23 8.92
N GLU B 320 -18.12 0.08 10.14
CA GLU B 320 -18.40 1.03 11.21
C GLU B 320 -17.73 2.38 10.96
N ARG B 321 -16.57 2.33 10.32
CA ARG B 321 -15.82 3.50 9.93
C ARG B 321 -16.62 4.30 8.89
N ALA B 322 -17.15 3.62 7.88
CA ALA B 322 -17.90 4.30 6.84
C ALA B 322 -19.16 4.93 7.43
N MET B 323 -19.81 4.23 8.37
CA MET B 323 -20.99 4.70 9.11
C MET B 323 -20.71 5.98 9.89
N LEU B 324 -19.62 5.97 10.67
CA LEU B 324 -19.23 7.15 11.46
C LEU B 324 -18.90 8.36 10.58
N GLU B 325 -18.22 8.13 9.46
CA GLU B 325 -17.86 9.22 8.58
C GLU B 325 -19.14 9.82 7.98
N ASN B 326 -20.14 9.00 7.67
CA ASN B 326 -21.35 9.44 7.01
C ASN B 326 -22.21 10.21 8.02
N GLU B 327 -22.24 9.75 9.27
CA GLU B 327 -22.94 10.44 10.36
C GLU B 327 -22.29 11.78 10.66
N LYS B 328 -20.97 11.85 10.59
CA LYS B 328 -20.29 13.11 10.74
C LYS B 328 -20.70 14.11 9.64
N LYS B 329 -20.76 13.68 8.39
CA LYS B 329 -21.29 14.53 7.34
C LYS B 329 -22.76 14.95 7.61
N LYS B 330 -23.61 14.05 8.13
CA LYS B 330 -25.00 14.37 8.44
C LYS B 330 -25.09 15.47 9.49
N ARG B 331 -24.21 15.41 10.48
CA ARG B 331 -24.15 16.40 11.54
C ARG B 331 -23.67 17.74 11.00
N GLU B 332 -22.51 17.73 10.31
CA GLU B 332 -21.93 18.93 9.74
C GLU B 332 -22.91 19.60 8.77
N MET B 333 -23.77 18.81 8.08
CA MET B 333 -24.81 19.37 7.22
C MET B 333 -25.94 20.02 8.04
N ALA B 334 -26.49 19.29 9.01
CA ALA B 334 -27.69 19.78 9.70
C ALA B 334 -27.32 20.92 10.67
N GLU B 335 -26.07 20.91 11.16
CA GLU B 335 -25.58 21.94 12.07
C GLU B 335 -24.98 23.10 11.29
N LYS B 336 -24.96 23.01 9.95
CA LYS B 336 -24.45 24.10 9.11
C LYS B 336 -25.61 24.78 8.36
N GLU B 337 -26.70 24.05 8.09
CA GLU B 337 -27.93 24.68 7.61
C GLU B 337 -28.80 25.09 8.80
N LYS B 338 -28.35 24.76 10.01
CA LYS B 338 -28.92 25.30 11.24
C LYS B 338 -28.60 26.80 11.31
N GLU B 339 -27.35 27.15 11.01
CA GLU B 339 -26.86 28.52 11.09
C GLU B 339 -27.39 29.39 9.94
N LYS B 340 -27.91 28.77 8.85
CA LYS B 340 -28.44 29.51 7.72
C LYS B 340 -29.84 30.04 8.01
N ILE B 341 -30.59 29.29 8.84
CA ILE B 341 -31.84 29.74 9.42
C ILE B 341 -31.56 30.80 10.51
N GLU B 342 -30.34 30.77 11.09
CA GLU B 342 -29.86 31.73 12.08
C GLU B 342 -28.98 32.81 11.42
N ARG B 343 -29.49 33.41 10.34
CA ARG B 343 -28.86 34.53 9.65
C ARG B 343 -29.93 35.41 8.99
N GLU B 344 -30.92 34.77 8.36
CA GLU B 344 -32.03 35.44 7.71
C GLU B 344 -33.12 35.77 8.73
N LYS B 345 -33.05 35.11 9.89
CA LYS B 345 -33.88 35.46 11.04
C LYS B 345 -33.27 36.66 11.77
N GLU B 346 -31.93 36.74 11.81
CA GLU B 346 -31.22 37.86 12.41
C GLU B 346 -31.50 39.14 11.59
N GLY C 3 -37.27 13.80 -25.70
CA GLY C 3 -37.98 13.85 -24.41
C GLY C 3 -37.12 14.62 -23.41
N GLY C 4 -36.87 15.89 -23.72
CA GLY C 4 -35.76 16.64 -23.15
C GLY C 4 -36.07 17.35 -21.84
N SER C 5 -36.28 16.57 -20.79
CA SER C 5 -36.54 17.15 -19.49
C SER C 5 -35.25 17.31 -18.65
N TRP C 6 -34.18 16.50 -18.83
CA TRP C 6 -32.94 16.70 -18.06
C TRP C 6 -32.44 18.13 -18.22
N LYS C 7 -32.28 18.84 -17.10
CA LYS C 7 -32.04 20.29 -17.10
C LYS C 7 -30.55 20.67 -17.02
N TYR C 8 -29.64 19.71 -16.83
CA TYR C 8 -28.26 20.02 -16.45
C TYR C 8 -27.28 19.66 -17.55
N PRO C 9 -26.14 20.37 -17.60
CA PRO C 9 -25.14 20.19 -18.65
C PRO C 9 -24.37 18.88 -18.56
N ASP C 10 -24.16 18.39 -17.33
CA ASP C 10 -23.49 17.14 -17.03
C ASP C 10 -24.46 16.13 -16.43
N ALA C 11 -23.92 14.97 -15.99
CA ALA C 11 -24.78 13.85 -15.62
C ALA C 11 -25.15 13.87 -14.13
N PHE C 12 -25.05 15.06 -13.49
CA PHE C 12 -25.48 15.30 -12.13
C PHE C 12 -26.12 16.67 -12.08
N GLU C 13 -27.03 16.84 -11.09
CA GLU C 13 -27.73 18.10 -10.81
C GLU C 13 -26.77 19.14 -10.23
N LEU C 14 -26.96 20.39 -10.66
CA LEU C 14 -26.35 21.57 -10.03
C LEU C 14 -27.32 22.17 -9.00
N SER C 15 -26.86 22.38 -7.77
CA SER C 15 -27.74 22.93 -6.74
C SER C 15 -27.66 24.46 -6.73
N GLY C 16 -28.74 25.06 -6.23
CA GLY C 16 -28.86 26.51 -6.17
C GLY C 16 -27.92 27.09 -5.13
N GLY D 4 5.06 -32.31 32.04
CA GLY D 4 6.02 -33.41 31.83
C GLY D 4 6.14 -33.85 30.37
N SER D 5 5.03 -33.77 29.63
CA SER D 5 4.87 -34.56 28.43
C SER D 5 5.35 -33.85 27.15
N TRP D 6 5.37 -32.50 27.05
CA TRP D 6 5.75 -31.85 25.78
C TRP D 6 7.16 -32.26 25.40
N LYS D 7 7.30 -32.80 24.17
CA LYS D 7 8.53 -33.45 23.74
C LYS D 7 9.50 -32.53 22.98
N TYR D 8 9.10 -31.30 22.64
CA TYR D 8 9.83 -30.53 21.62
C TYR D 8 10.48 -29.28 22.22
N PRO D 9 11.60 -28.82 21.62
CA PRO D 9 12.36 -27.69 22.20
C PRO D 9 11.65 -26.32 22.11
N ASP D 10 10.82 -26.14 21.10
CA ASP D 10 10.06 -24.94 20.79
C ASP D 10 8.56 -25.26 20.87
N ALA D 11 7.73 -24.30 20.48
CA ALA D 11 6.30 -24.34 20.74
C ALA D 11 5.52 -25.03 19.61
N PHE D 12 6.23 -25.78 18.77
CA PHE D 12 5.61 -26.57 17.70
C PHE D 12 6.36 -27.90 17.61
N GLU D 13 5.65 -28.89 17.06
CA GLU D 13 6.14 -30.26 16.83
C GLU D 13 7.13 -30.30 15.65
N LEU D 14 8.22 -31.03 15.82
CA LEU D 14 9.16 -31.42 14.75
C LEU D 14 8.79 -32.78 14.17
N SER D 15 8.62 -32.87 12.86
CA SER D 15 8.38 -34.16 12.22
C SER D 15 9.68 -34.84 11.76
N GLY D 16 9.59 -36.12 11.34
CA GLY D 16 10.60 -36.75 10.48
C GLY D 16 11.56 -37.67 11.23
#